data_5L9L
#
_entry.id   5L9L
#
_cell.length_a   70.820
_cell.length_b   70.820
_cell.length_c   133.220
_cell.angle_alpha   90.00
_cell.angle_beta   90.00
_cell.angle_gamma   90.00
#
_symmetry.space_group_name_H-M   'P 41'
#
loop_
_entity.id
_entity.type
_entity.pdbx_description
1 polymer 'periplasmic binding protein'
2 non-polymer Glucopine
3 non-polymer 'CALCIUM ION'
4 non-polymer 1,2-ETHANEDIOL
5 water water
#
_entity_poly.entity_id   1
_entity_poly.type   'polypeptide(L)'
_entity_poly.pdbx_seq_one_letter_code
;MGSSHHHHHHSSGLVPRGSHMDVVIASSGGGWQEAQDKALWAPAAKALNITYTQDTFQNWAEARAQVESGSVTWDIIQIG
IADEPQAKAAGVLEKLDPDIVNKADFPPGSVTDSFVANSNYSTLIAWNKKTYGDNGPKSMADFFDVKKFPGKRALWNQPI
GMIEAAALALGTPRDKVYEFLSTEEGRKAAIAKLTELAPSVSVWWESGAQAAQLIKDGEVDMIITWGGRVQGAINDGANF
AYTFNDAQLGTDGYAIVKGAPHRDAAMRFLKEMSKAEYQKDLPNSFATAPANMKAYDLAKYTPEKMATMASAPENVAVQY
SVDPNFWAKHAKWASEAYDNVRLSRHHHHHH
;
_entity_poly.pdbx_strand_id   A,B
#
loop_
_chem_comp.id
_chem_comp.type
_chem_comp.name
_chem_comp.formula
CA non-polymer 'CALCIUM ION' 'Ca 2'
EDO non-polymer 1,2-ETHANEDIOL 'C2 H6 O2'
GOP non-polymer Glucopine 'C11 H22 N2 O8'
#
# COMPACT_ATOMS: atom_id res chain seq x y z
N MET A 21 30.43 -0.73 -0.08
CA MET A 21 30.97 -2.10 -0.16
C MET A 21 29.92 -3.17 -0.58
N ASP A 22 28.63 -2.96 -0.31
CA ASP A 22 27.58 -3.94 -0.65
C ASP A 22 27.16 -3.82 -2.11
N VAL A 23 26.88 -4.96 -2.77
CA VAL A 23 26.29 -5.00 -4.11
C VAL A 23 24.85 -4.49 -3.89
N VAL A 24 24.43 -3.45 -4.63
CA VAL A 24 23.08 -2.91 -4.45
C VAL A 24 22.17 -3.53 -5.53
N ILE A 25 21.10 -4.21 -5.08
CA ILE A 25 20.09 -4.85 -5.93
C ILE A 25 18.73 -4.16 -5.76
N ALA A 26 18.07 -3.83 -6.88
CA ALA A 26 16.80 -3.13 -6.83
C ALA A 26 15.64 -3.79 -7.59
N SER A 27 14.48 -3.94 -6.94
CA SER A 27 13.28 -4.44 -7.62
C SER A 27 12.12 -3.52 -7.25
N SER A 28 10.86 -3.97 -7.45
CA SER A 28 9.69 -3.13 -7.27
C SER A 28 8.89 -3.24 -5.97
N GLY A 29 9.50 -3.80 -4.92
CA GLY A 29 8.91 -3.93 -3.60
C GLY A 29 7.79 -4.95 -3.46
N GLY A 30 7.15 -4.88 -2.28
CA GLY A 30 6.05 -5.75 -1.91
C GLY A 30 6.42 -7.22 -1.94
N GLY A 31 5.38 -8.03 -2.21
CA GLY A 31 5.47 -9.49 -2.26
C GLY A 31 6.49 -10.03 -3.25
N TRP A 32 6.60 -9.38 -4.43
CA TRP A 32 7.53 -9.76 -5.51
C TRP A 32 8.98 -9.60 -5.07
N GLN A 33 9.31 -8.47 -4.40
CA GLN A 33 10.68 -8.24 -3.93
C GLN A 33 11.05 -9.21 -2.82
N GLU A 34 10.11 -9.42 -1.88
CA GLU A 34 10.28 -10.33 -0.75
C GLU A 34 10.55 -11.77 -1.25
N ALA A 35 9.85 -12.19 -2.32
CA ALA A 35 10.01 -13.51 -2.96
C ALA A 35 11.41 -13.64 -3.57
N GLN A 36 11.89 -12.61 -4.29
CA GLN A 36 13.24 -12.58 -4.88
C GLN A 36 14.30 -12.62 -3.79
N ASP A 37 14.14 -11.79 -2.74
CA ASP A 37 15.10 -11.74 -1.65
C ASP A 37 15.22 -13.10 -0.94
N LYS A 38 14.08 -13.73 -0.61
CA LYS A 38 14.03 -15.01 0.10
C LYS A 38 14.55 -16.17 -0.75
N ALA A 39 14.11 -16.27 -2.01
CA ALA A 39 14.47 -17.38 -2.89
C ALA A 39 15.80 -17.26 -3.59
N LEU A 40 16.16 -16.03 -4.00
CA LEU A 40 17.35 -15.82 -4.82
C LEU A 40 18.49 -15.08 -4.13
N TRP A 41 18.24 -13.84 -3.70
CA TRP A 41 19.27 -12.95 -3.16
C TRP A 41 19.95 -13.43 -1.88
N ALA A 42 19.17 -13.69 -0.81
CA ALA A 42 19.72 -14.17 0.46
C ALA A 42 20.50 -15.50 0.29
N PRO A 43 19.97 -16.54 -0.41
CA PRO A 43 20.76 -17.78 -0.60
C PRO A 43 21.99 -17.62 -1.53
N ALA A 44 21.89 -16.81 -2.63
CA ALA A 44 23.03 -16.62 -3.56
C ALA A 44 24.17 -15.87 -2.89
N ALA A 45 23.85 -14.81 -2.14
CA ALA A 45 24.83 -14.03 -1.37
C ALA A 45 25.50 -14.87 -0.28
N LYS A 46 24.72 -15.76 0.37
CA LYS A 46 25.22 -16.67 1.44
C LYS A 46 26.19 -17.69 0.85
N ALA A 47 25.88 -18.22 -0.35
CA ALA A 47 26.73 -19.18 -1.05
C ALA A 47 28.03 -18.52 -1.56
N LEU A 48 27.97 -17.23 -1.94
CA LEU A 48 29.14 -16.49 -2.43
C LEU A 48 29.88 -15.76 -1.32
N ASN A 49 29.31 -15.80 -0.09
CA ASN A 49 29.83 -15.15 1.11
C ASN A 49 30.01 -13.62 0.85
N ILE A 50 28.97 -13.01 0.28
CA ILE A 50 28.94 -11.58 -0.06
C ILE A 50 27.79 -10.88 0.68
N THR A 51 27.92 -9.56 0.84
CA THR A 51 26.91 -8.72 1.44
C THR A 51 26.25 -7.91 0.35
N TYR A 52 24.95 -7.70 0.52
CA TYR A 52 24.14 -6.95 -0.44
C TYR A 52 23.16 -6.03 0.29
N THR A 53 22.76 -4.96 -0.40
CA THR A 53 21.79 -3.95 0.05
C THR A 53 20.64 -3.90 -0.95
N GLN A 54 19.40 -3.83 -0.44
CA GLN A 54 18.22 -3.74 -1.29
C GLN A 54 17.80 -2.28 -1.50
N ASP A 55 17.16 -2.02 -2.64
CA ASP A 55 16.52 -0.74 -2.92
C ASP A 55 15.24 -1.05 -3.74
N THR A 56 14.30 -0.08 -3.79
CA THR A 56 13.05 -0.22 -4.53
C THR A 56 12.86 0.92 -5.53
N PHE A 57 12.27 0.60 -6.69
CA PHE A 57 12.00 1.52 -7.77
C PHE A 57 10.85 1.00 -8.65
N GLN A 58 10.24 1.87 -9.45
CA GLN A 58 9.07 1.50 -10.24
C GLN A 58 9.24 1.62 -11.76
N ASN A 59 10.35 2.23 -12.23
CA ASN A 59 10.62 2.46 -13.65
C ASN A 59 12.13 2.55 -13.93
N TRP A 60 12.58 1.92 -15.05
CA TRP A 60 13.97 1.93 -15.50
C TRP A 60 14.51 3.37 -15.74
N ALA A 61 13.61 4.38 -15.88
CA ALA A 61 13.99 5.79 -16.08
C ALA A 61 14.69 6.35 -14.82
N GLU A 62 14.44 5.73 -13.65
CA GLU A 62 15.13 6.09 -12.42
C GLU A 62 16.60 5.66 -12.52
N ALA A 63 16.87 4.54 -13.22
CA ALA A 63 18.25 4.08 -13.42
C ALA A 63 18.94 5.00 -14.43
N ARG A 64 18.19 5.42 -15.50
CA ARG A 64 18.62 6.38 -16.52
C ARG A 64 19.02 7.73 -15.84
N ALA A 65 18.19 8.17 -14.86
CA ALA A 65 18.39 9.37 -14.07
C ALA A 65 19.71 9.28 -13.28
N GLN A 66 20.06 8.11 -12.70
CA GLN A 66 21.33 7.86 -12.00
C GLN A 66 22.54 8.02 -12.97
N VAL A 67 22.53 7.28 -14.11
CA VAL A 67 23.57 7.30 -15.15
C VAL A 67 23.79 8.73 -15.69
N GLU A 68 22.69 9.43 -15.99
CA GLU A 68 22.76 10.80 -16.51
C GLU A 68 23.21 11.83 -15.48
N SER A 69 22.92 11.60 -14.18
CA SER A 69 23.32 12.46 -13.07
C SER A 69 24.82 12.37 -12.80
N GLY A 70 25.46 11.32 -13.33
CA GLY A 70 26.88 11.04 -13.17
C GLY A 70 27.21 10.29 -11.90
N SER A 71 26.18 9.83 -11.17
CA SER A 71 26.35 9.10 -9.91
C SER A 71 25.47 7.84 -9.80
N VAL A 72 26.12 6.70 -10.10
CA VAL A 72 25.50 5.38 -10.09
C VAL A 72 25.72 4.68 -8.74
N THR A 73 24.61 4.34 -8.04
CA THR A 73 24.66 3.62 -6.74
C THR A 73 24.08 2.19 -6.87
N TRP A 74 23.14 1.98 -7.82
CA TRP A 74 22.59 0.65 -8.06
C TRP A 74 23.54 -0.23 -8.88
N ASP A 75 23.61 -1.53 -8.52
CA ASP A 75 24.42 -2.49 -9.29
C ASP A 75 23.51 -3.30 -10.19
N ILE A 76 22.58 -4.06 -9.61
CA ILE A 76 21.63 -4.89 -10.34
C ILE A 76 20.25 -4.24 -10.25
N ILE A 77 19.55 -4.16 -11.38
CA ILE A 77 18.18 -3.66 -11.45
C ILE A 77 17.26 -4.72 -12.04
N GLN A 78 16.08 -4.91 -11.42
CA GLN A 78 15.10 -5.86 -11.95
C GLN A 78 14.17 -5.05 -12.86
N ILE A 79 14.18 -5.39 -14.15
CA ILE A 79 13.39 -4.75 -15.20
C ILE A 79 12.59 -5.80 -15.97
N GLY A 80 11.75 -5.33 -16.88
CA GLY A 80 10.96 -6.17 -17.77
C GLY A 80 11.59 -6.31 -19.14
N ILE A 81 11.35 -7.46 -19.81
CA ILE A 81 11.89 -7.77 -21.14
C ILE A 81 11.67 -6.64 -22.17
N ALA A 82 10.52 -5.92 -22.11
CA ALA A 82 10.22 -4.80 -23.00
C ALA A 82 10.94 -3.49 -22.62
N ASP A 83 11.39 -3.33 -21.35
CA ASP A 83 12.20 -2.16 -20.93
C ASP A 83 13.63 -2.31 -21.48
N GLU A 84 14.12 -3.58 -21.55
CA GLU A 84 15.49 -3.91 -22.01
C GLU A 84 15.93 -3.17 -23.31
N PRO A 85 15.18 -3.22 -24.44
CA PRO A 85 15.63 -2.52 -25.66
C PRO A 85 15.80 -1.02 -25.47
N GLN A 86 14.87 -0.37 -24.75
CA GLN A 86 14.87 1.07 -24.50
C GLN A 86 16.07 1.48 -23.61
N ALA A 87 16.30 0.70 -22.55
CA ALA A 87 17.34 0.92 -21.55
C ALA A 87 18.74 0.72 -22.13
N LYS A 88 18.91 -0.31 -22.97
CA LYS A 88 20.15 -0.62 -23.68
C LYS A 88 20.51 0.48 -24.67
N ALA A 89 19.49 1.01 -25.39
CA ALA A 89 19.66 2.07 -26.41
C ALA A 89 20.00 3.42 -25.79
N ALA A 90 19.54 3.69 -24.55
CA ALA A 90 19.78 4.91 -23.79
C ALA A 90 21.09 4.84 -22.97
N GLY A 91 21.86 3.76 -23.17
CA GLY A 91 23.13 3.53 -22.50
C GLY A 91 23.09 3.33 -21.00
N VAL A 92 21.97 2.74 -20.49
CA VAL A 92 21.70 2.47 -19.06
C VAL A 92 22.20 1.08 -18.61
N LEU A 93 22.46 0.16 -19.56
CA LEU A 93 22.83 -1.19 -19.17
C LEU A 93 24.21 -1.63 -19.57
N GLU A 94 24.89 -2.31 -18.64
CA GLU A 94 26.19 -2.90 -18.87
C GLU A 94 25.98 -4.16 -19.72
N LYS A 95 26.92 -4.48 -20.62
CA LYS A 95 26.84 -5.73 -21.38
C LYS A 95 27.24 -6.84 -20.41
N LEU A 96 26.41 -7.86 -20.30
CA LEU A 96 26.68 -8.94 -19.37
C LEU A 96 27.72 -9.89 -19.96
N ASP A 97 28.40 -10.67 -19.09
CA ASP A 97 29.41 -11.64 -19.50
C ASP A 97 28.76 -12.70 -20.39
N PRO A 98 29.41 -13.15 -21.49
CA PRO A 98 28.75 -14.12 -22.38
C PRO A 98 28.16 -15.44 -21.85
N ASP A 99 28.82 -16.18 -20.95
CA ASP A 99 28.21 -17.42 -20.50
C ASP A 99 27.74 -17.33 -19.04
N ILE A 100 27.11 -16.17 -18.68
CA ILE A 100 26.55 -15.88 -17.36
C ILE A 100 25.47 -16.94 -17.01
N VAL A 101 24.76 -17.43 -18.05
CA VAL A 101 23.76 -18.50 -18.00
C VAL A 101 23.89 -19.32 -19.27
N ASN A 102 23.35 -20.53 -19.25
CA ASN A 102 23.27 -21.37 -20.44
C ASN A 102 21.90 -21.04 -21.05
N LYS A 103 21.90 -20.35 -22.20
CA LYS A 103 20.70 -19.90 -22.92
C LYS A 103 19.63 -20.99 -23.17
N ALA A 104 20.05 -22.27 -23.31
CA ALA A 104 19.18 -23.43 -23.50
C ALA A 104 18.27 -23.69 -22.28
N ASP A 105 18.67 -23.19 -21.09
CA ASP A 105 17.93 -23.33 -19.83
C ASP A 105 16.81 -22.32 -19.67
N PHE A 106 16.80 -21.27 -20.50
CA PHE A 106 15.83 -20.17 -20.41
C PHE A 106 14.93 -20.09 -21.66
N PRO A 107 13.68 -19.52 -21.60
CA PRO A 107 12.87 -19.44 -22.84
C PRO A 107 13.56 -18.61 -23.93
N PRO A 108 13.31 -18.89 -25.24
CA PRO A 108 14.01 -18.13 -26.29
C PRO A 108 13.78 -16.62 -26.23
N GLY A 109 14.88 -15.86 -26.31
CA GLY A 109 14.87 -14.40 -26.28
C GLY A 109 14.77 -13.78 -24.91
N SER A 110 14.60 -14.60 -23.85
CA SER A 110 14.49 -14.11 -22.47
C SER A 110 15.86 -13.73 -21.88
N VAL A 111 16.97 -14.09 -22.57
CA VAL A 111 18.35 -13.78 -22.20
C VAL A 111 19.04 -13.07 -23.37
N THR A 112 19.38 -11.78 -23.17
CA THR A 112 20.05 -10.95 -24.18
C THR A 112 21.52 -10.72 -23.70
N ASP A 113 22.29 -9.86 -24.40
CA ASP A 113 23.64 -9.51 -23.98
C ASP A 113 23.64 -8.59 -22.75
N SER A 114 22.47 -8.01 -22.38
CA SER A 114 22.33 -7.06 -21.25
C SER A 114 21.17 -7.37 -20.29
N PHE A 115 20.59 -8.58 -20.38
CA PHE A 115 19.45 -8.99 -19.57
C PHE A 115 19.36 -10.49 -19.37
N VAL A 116 19.13 -10.92 -18.10
CA VAL A 116 18.92 -12.32 -17.73
C VAL A 116 17.53 -12.45 -17.08
N ALA A 117 16.61 -13.23 -17.72
CA ALA A 117 15.28 -13.46 -17.18
C ALA A 117 15.37 -14.19 -15.83
N ASN A 118 14.41 -13.93 -14.93
CA ASN A 118 14.31 -14.63 -13.64
C ASN A 118 12.93 -15.25 -13.48
N SER A 119 11.93 -14.77 -14.27
CA SER A 119 10.54 -15.22 -14.19
C SER A 119 9.64 -14.73 -15.32
N ASN A 120 8.48 -15.43 -15.46
CA ASN A 120 7.35 -15.07 -16.30
C ASN A 120 6.20 -14.75 -15.38
N TYR A 121 5.37 -13.78 -15.82
CA TYR A 121 4.21 -13.29 -15.07
C TYR A 121 3.12 -12.90 -16.04
N SER A 122 1.93 -12.61 -15.51
CA SER A 122 0.83 -12.16 -16.37
C SER A 122 0.29 -10.82 -15.92
N THR A 123 0.02 -9.92 -16.88
CA THR A 123 -0.69 -8.65 -16.65
C THR A 123 -2.13 -9.03 -16.99
N LEU A 124 -2.97 -9.20 -15.96
CA LEU A 124 -4.30 -9.79 -16.12
C LEU A 124 -5.48 -9.04 -15.48
N ILE A 125 -6.71 -9.50 -15.78
CA ILE A 125 -7.96 -8.92 -15.27
C ILE A 125 -8.37 -9.60 -13.98
N ALA A 126 -8.58 -8.78 -12.93
CA ALA A 126 -9.11 -9.22 -11.64
C ALA A 126 -10.33 -8.41 -11.36
N TRP A 127 -11.32 -9.01 -10.67
CA TRP A 127 -12.53 -8.32 -10.32
C TRP A 127 -12.96 -8.61 -8.92
N ASN A 128 -13.71 -7.65 -8.37
CA ASN A 128 -14.26 -7.66 -7.05
C ASN A 128 -15.52 -8.58 -7.01
N LYS A 129 -15.48 -9.66 -6.20
CA LYS A 129 -16.60 -10.61 -6.05
C LYS A 129 -17.79 -9.99 -5.30
N LYS A 130 -17.54 -8.99 -4.44
CA LYS A 130 -18.64 -8.30 -3.76
C LYS A 130 -19.45 -7.52 -4.82
N THR A 131 -18.76 -6.90 -5.79
CA THR A 131 -19.42 -6.12 -6.85
C THR A 131 -20.15 -6.99 -7.91
N TYR A 132 -19.47 -8.00 -8.45
CA TYR A 132 -19.96 -8.80 -9.57
C TYR A 132 -20.26 -10.25 -9.29
N GLY A 133 -19.84 -10.74 -8.13
CA GLY A 133 -19.94 -12.15 -7.78
C GLY A 133 -19.12 -12.96 -8.77
N ASP A 134 -19.66 -14.09 -9.23
CA ASP A 134 -18.99 -14.91 -10.26
C ASP A 134 -19.12 -14.30 -11.68
N ASN A 135 -20.04 -13.36 -11.84
CA ASN A 135 -20.34 -12.71 -13.11
C ASN A 135 -19.52 -11.44 -13.38
N GLY A 136 -18.20 -11.58 -13.25
CA GLY A 136 -17.27 -10.50 -13.49
C GLY A 136 -16.73 -10.48 -14.90
N PRO A 137 -15.94 -9.44 -15.24
CA PRO A 137 -15.35 -9.36 -16.59
C PRO A 137 -14.37 -10.51 -16.86
N LYS A 138 -14.57 -11.22 -17.98
CA LYS A 138 -13.71 -12.37 -18.34
C LYS A 138 -12.91 -12.16 -19.63
N SER A 139 -12.86 -10.90 -20.10
CA SER A 139 -12.16 -10.48 -21.32
C SER A 139 -11.86 -8.98 -21.28
N MET A 140 -10.99 -8.52 -22.18
CA MET A 140 -10.68 -7.08 -22.24
C MET A 140 -11.93 -6.29 -22.66
N ALA A 141 -12.73 -6.83 -23.63
CA ALA A 141 -13.97 -6.22 -24.09
C ALA A 141 -14.92 -6.00 -22.90
N ASP A 142 -15.01 -7.00 -22.01
CA ASP A 142 -15.79 -6.97 -20.77
C ASP A 142 -15.23 -5.91 -19.81
N PHE A 143 -13.89 -5.83 -19.69
CA PHE A 143 -13.21 -4.85 -18.81
C PHE A 143 -13.58 -3.43 -19.25
N PHE A 144 -13.54 -3.20 -20.57
CA PHE A 144 -13.85 -1.87 -21.14
C PHE A 144 -15.34 -1.58 -21.24
N ASP A 145 -16.21 -2.60 -20.95
CA ASP A 145 -17.68 -2.48 -21.03
C ASP A 145 -18.29 -1.92 -19.74
N VAL A 146 -18.33 -0.58 -19.62
CA VAL A 146 -18.89 0.16 -18.48
C VAL A 146 -20.41 0.00 -18.45
N LYS A 147 -21.01 -0.34 -19.60
CA LYS A 147 -22.45 -0.53 -19.69
C LYS A 147 -22.87 -1.87 -19.05
N LYS A 148 -22.23 -2.99 -19.44
CA LYS A 148 -22.56 -4.31 -18.88
C LYS A 148 -21.95 -4.48 -17.49
N PHE A 149 -20.74 -3.94 -17.27
CA PHE A 149 -20.05 -4.03 -15.98
C PHE A 149 -19.78 -2.63 -15.39
N PRO A 150 -20.79 -1.95 -14.80
CA PRO A 150 -20.53 -0.62 -14.22
C PRO A 150 -19.63 -0.74 -13.00
N GLY A 151 -18.74 0.23 -12.84
CA GLY A 151 -17.82 0.24 -11.70
C GLY A 151 -16.48 0.88 -11.89
N LYS A 152 -15.73 0.95 -10.80
CA LYS A 152 -14.42 1.59 -10.70
C LYS A 152 -13.33 0.68 -11.25
N ARG A 153 -12.64 1.15 -12.29
CA ARG A 153 -11.51 0.46 -12.91
C ARG A 153 -10.21 1.00 -12.36
N ALA A 154 -9.15 0.15 -12.36
CA ALA A 154 -7.80 0.57 -11.99
C ALA A 154 -6.84 0.04 -13.03
N LEU A 155 -6.01 0.95 -13.56
CA LEU A 155 -5.02 0.62 -14.58
C LEU A 155 -3.63 1.09 -14.10
N TRP A 156 -2.56 0.49 -14.63
CA TRP A 156 -1.19 0.90 -14.31
C TRP A 156 -0.96 2.35 -14.79
N ASN A 157 -0.08 3.12 -14.10
CA ASN A 157 0.24 4.48 -14.51
C ASN A 157 1.32 4.45 -15.63
N GLN A 158 1.76 3.24 -16.03
CA GLN A 158 2.75 3.04 -17.10
C GLN A 158 2.06 2.27 -18.26
N PRO A 159 2.48 2.47 -19.53
CA PRO A 159 1.74 1.88 -20.65
C PRO A 159 1.86 0.39 -21.00
N ILE A 160 2.97 -0.28 -20.65
CA ILE A 160 3.14 -1.70 -21.02
C ILE A 160 2.00 -2.61 -20.50
N GLY A 161 1.26 -3.20 -21.45
CA GLY A 161 0.09 -4.05 -21.18
C GLY A 161 -1.21 -3.26 -21.24
N MET A 162 -1.14 -1.93 -20.99
CA MET A 162 -2.29 -1.04 -21.02
C MET A 162 -2.76 -0.70 -22.45
N ILE A 163 -1.81 -0.31 -23.33
CA ILE A 163 -2.13 0.01 -24.74
C ILE A 163 -2.67 -1.24 -25.42
N GLU A 164 -2.03 -2.38 -25.19
CA GLU A 164 -2.41 -3.68 -25.73
C GLU A 164 -3.80 -4.08 -25.26
N ALA A 165 -4.16 -3.74 -24.00
CA ALA A 165 -5.47 -4.06 -23.39
C ALA A 165 -6.60 -3.40 -24.19
N ALA A 166 -6.40 -2.11 -24.52
CA ALA A 166 -7.31 -1.31 -25.35
C ALA A 166 -7.44 -1.96 -26.72
N ALA A 167 -6.30 -2.36 -27.33
CA ALA A 167 -6.31 -3.02 -28.65
C ALA A 167 -7.17 -4.29 -28.59
N LEU A 168 -7.04 -5.08 -27.50
CA LEU A 168 -7.82 -6.30 -27.27
C LEU A 168 -9.31 -5.98 -27.07
N ALA A 169 -9.59 -4.91 -26.31
CA ALA A 169 -10.96 -4.42 -26.06
C ALA A 169 -11.68 -4.00 -27.35
N LEU A 170 -10.91 -3.54 -28.39
CA LEU A 170 -11.44 -3.12 -29.69
C LEU A 170 -11.82 -4.33 -30.59
N GLY A 171 -11.46 -5.54 -30.13
CA GLY A 171 -11.77 -6.78 -30.82
C GLY A 171 -10.62 -7.37 -31.60
N THR A 172 -9.38 -6.88 -31.36
CA THR A 172 -8.19 -7.38 -32.04
C THR A 172 -7.88 -8.79 -31.53
N PRO A 173 -7.66 -9.81 -32.41
CA PRO A 173 -7.33 -11.15 -31.89
C PRO A 173 -5.96 -11.12 -31.18
N ARG A 174 -5.80 -11.94 -30.12
CA ARG A 174 -4.58 -12.01 -29.31
C ARG A 174 -3.27 -12.13 -30.11
N ASP A 175 -3.29 -12.92 -31.19
CA ASP A 175 -2.16 -13.16 -32.07
C ASP A 175 -1.93 -12.01 -33.08
N LYS A 176 -2.77 -10.95 -33.05
CA LYS A 176 -2.66 -9.80 -33.97
C LYS A 176 -2.49 -8.45 -33.24
N VAL A 177 -2.36 -8.47 -31.90
CA VAL A 177 -2.20 -7.27 -31.05
C VAL A 177 -1.19 -6.23 -31.62
N TYR A 178 0.02 -6.70 -31.87
CA TYR A 178 1.13 -5.91 -32.39
C TYR A 178 1.06 -5.65 -33.91
N GLU A 179 0.18 -6.38 -34.62
CA GLU A 179 -0.08 -6.16 -36.05
C GLU A 179 -0.98 -4.91 -36.13
N PHE A 180 -2.02 -4.84 -35.27
CA PHE A 180 -2.96 -3.72 -35.15
C PHE A 180 -2.23 -2.48 -34.61
N LEU A 181 -1.35 -2.66 -33.61
CA LEU A 181 -0.59 -1.56 -33.02
C LEU A 181 0.62 -1.13 -33.86
N SER A 182 0.89 -1.79 -35.02
CA SER A 182 2.02 -1.40 -35.88
C SER A 182 1.66 -0.14 -36.70
N THR A 183 0.34 0.06 -36.93
CA THR A 183 -0.19 1.21 -37.68
C THR A 183 -0.36 2.41 -36.76
N GLU A 184 -0.29 3.63 -37.32
CA GLU A 184 -0.51 4.88 -36.58
C GLU A 184 -2.02 5.01 -36.28
N GLU A 185 -2.84 4.37 -37.13
CA GLU A 185 -4.30 4.29 -37.06
C GLU A 185 -4.74 3.48 -35.84
N GLY A 186 -4.15 2.30 -35.68
CA GLY A 186 -4.39 1.40 -34.56
C GLY A 186 -3.86 1.97 -33.26
N ARG A 187 -2.68 2.64 -33.31
CA ARG A 187 -2.06 3.27 -32.14
C ARG A 187 -2.95 4.40 -31.60
N LYS A 188 -3.54 5.22 -32.51
CA LYS A 188 -4.48 6.30 -32.18
C LYS A 188 -5.79 5.74 -31.60
N ALA A 189 -6.38 4.69 -32.25
CA ALA A 189 -7.63 4.04 -31.83
C ALA A 189 -7.50 3.46 -30.41
N ALA A 190 -6.32 2.88 -30.09
CA ALA A 190 -6.02 2.30 -28.78
C ALA A 190 -6.10 3.40 -27.70
N ILE A 191 -5.49 4.58 -27.96
CA ILE A 191 -5.49 5.74 -27.05
C ILE A 191 -6.90 6.33 -26.91
N ALA A 192 -7.66 6.39 -28.01
CA ALA A 192 -9.06 6.87 -28.01
C ALA A 192 -9.92 5.98 -27.10
N LYS A 193 -9.72 4.64 -27.21
CA LYS A 193 -10.42 3.62 -26.43
C LYS A 193 -10.10 3.79 -24.92
N LEU A 194 -8.81 4.02 -24.59
CA LEU A 194 -8.38 4.27 -23.21
C LEU A 194 -8.98 5.58 -22.69
N THR A 195 -9.05 6.62 -23.56
CA THR A 195 -9.65 7.93 -23.30
C THR A 195 -11.12 7.74 -22.92
N GLU A 196 -11.86 6.89 -23.69
CA GLU A 196 -13.26 6.54 -23.43
C GLU A 196 -13.44 5.79 -22.09
N LEU A 197 -12.46 4.95 -21.70
CA LEU A 197 -12.53 4.24 -20.41
C LEU A 197 -12.14 5.16 -19.26
N ALA A 198 -11.15 6.05 -19.48
CA ALA A 198 -10.59 6.99 -18.48
C ALA A 198 -11.55 7.58 -17.42
N PRO A 199 -12.80 8.07 -17.74
CA PRO A 199 -13.69 8.56 -16.66
C PRO A 199 -14.08 7.51 -15.63
N SER A 200 -14.05 6.21 -16.01
CA SER A 200 -14.36 5.07 -15.13
C SER A 200 -13.15 4.57 -14.31
N VAL A 201 -11.94 5.09 -14.62
CA VAL A 201 -10.70 4.71 -13.92
C VAL A 201 -10.62 5.53 -12.65
N SER A 202 -10.83 4.90 -11.50
CA SER A 202 -10.80 5.66 -10.24
C SER A 202 -9.37 5.85 -9.73
N VAL A 203 -8.44 4.92 -10.09
CA VAL A 203 -7.05 4.97 -9.62
C VAL A 203 -6.09 4.45 -10.70
N TRP A 204 -5.01 5.20 -10.93
CA TRP A 204 -3.94 4.79 -11.83
C TRP A 204 -2.86 4.28 -10.90
N TRP A 205 -2.90 2.96 -10.58
CA TRP A 205 -1.96 2.35 -9.64
C TRP A 205 -0.50 2.46 -10.11
N GLU A 206 0.40 2.66 -9.16
CA GLU A 206 1.81 2.88 -9.47
C GLU A 206 2.71 1.69 -9.20
N SER A 207 2.41 0.95 -8.12
CA SER A 207 3.19 -0.19 -7.71
C SER A 207 2.31 -1.42 -7.51
N GLY A 208 2.93 -2.59 -7.64
CA GLY A 208 2.29 -3.88 -7.39
C GLY A 208 1.66 -3.99 -6.01
N ALA A 209 2.37 -3.52 -4.95
CA ALA A 209 1.84 -3.53 -3.58
C ALA A 209 0.62 -2.60 -3.43
N GLN A 210 0.63 -1.44 -4.12
CA GLN A 210 -0.53 -0.53 -4.09
C GLN A 210 -1.73 -1.23 -4.75
N ALA A 211 -1.49 -1.94 -5.87
CA ALA A 211 -2.52 -2.68 -6.60
C ALA A 211 -3.12 -3.77 -5.70
N ALA A 212 -2.24 -4.49 -4.99
CA ALA A 212 -2.62 -5.53 -4.02
C ALA A 212 -3.46 -4.89 -2.88
N GLN A 213 -3.07 -3.68 -2.37
CA GLN A 213 -3.81 -2.97 -1.32
C GLN A 213 -5.23 -2.60 -1.79
N LEU A 214 -5.37 -2.04 -3.01
CA LEU A 214 -6.67 -1.69 -3.64
C LEU A 214 -7.57 -2.92 -3.67
N ILE A 215 -6.98 -4.09 -3.98
CA ILE A 215 -7.69 -5.38 -4.05
C ILE A 215 -8.12 -5.80 -2.65
N LYS A 216 -7.16 -5.87 -1.70
CA LYS A 216 -7.46 -6.22 -0.32
C LYS A 216 -8.58 -5.33 0.29
N ASP A 217 -8.61 -4.02 -0.02
CA ASP A 217 -9.60 -3.09 0.54
C ASP A 217 -10.92 -3.01 -0.25
N GLY A 218 -10.97 -3.66 -1.41
CA GLY A 218 -12.12 -3.65 -2.32
C GLY A 218 -12.41 -2.25 -2.83
N GLU A 219 -11.37 -1.42 -2.90
CA GLU A 219 -11.44 -0.02 -3.31
C GLU A 219 -11.73 0.15 -4.77
N VAL A 220 -11.48 -0.91 -5.55
CA VAL A 220 -11.75 -0.97 -6.99
C VAL A 220 -12.73 -2.11 -7.29
N ASP A 221 -13.42 -2.02 -8.42
CA ASP A 221 -14.37 -3.07 -8.82
C ASP A 221 -13.70 -4.04 -9.76
N MET A 222 -12.75 -3.53 -10.55
CA MET A 222 -11.93 -4.36 -11.44
C MET A 222 -10.59 -3.71 -11.68
N ILE A 223 -9.58 -4.52 -11.97
CA ILE A 223 -8.20 -4.02 -12.14
C ILE A 223 -7.41 -4.85 -13.12
N ILE A 224 -6.56 -4.18 -13.89
CA ILE A 224 -5.58 -4.85 -14.72
C ILE A 224 -4.24 -4.70 -13.95
N THR A 225 -3.74 -5.82 -13.42
CA THR A 225 -2.48 -5.84 -12.66
C THR A 225 -1.79 -7.21 -12.81
N TRP A 226 -0.67 -7.37 -12.12
CA TRP A 226 0.15 -8.56 -12.18
C TRP A 226 -0.40 -9.71 -11.31
N GLY A 227 -0.50 -10.92 -11.90
CA GLY A 227 -1.03 -12.13 -11.26
C GLY A 227 -0.56 -12.44 -9.85
N GLY A 228 0.74 -12.29 -9.62
CA GLY A 228 1.32 -12.55 -8.30
C GLY A 228 0.77 -11.64 -7.21
N ARG A 229 0.62 -10.36 -7.53
CA ARG A 229 0.04 -9.34 -6.66
C ARG A 229 -1.42 -9.69 -6.35
N VAL A 230 -2.19 -10.10 -7.37
CA VAL A 230 -3.61 -10.48 -7.24
C VAL A 230 -3.74 -11.71 -6.35
N GLN A 231 -2.99 -12.78 -6.68
CA GLN A 231 -3.05 -14.01 -5.89
C GLN A 231 -2.66 -13.75 -4.41
N GLY A 232 -1.65 -12.90 -4.20
CA GLY A 232 -1.21 -12.47 -2.88
C GLY A 232 -2.31 -11.79 -2.08
N ALA A 233 -3.03 -10.85 -2.71
CA ALA A 233 -4.18 -10.19 -2.08
C ALA A 233 -5.29 -11.18 -1.73
N ILE A 234 -5.63 -12.10 -2.66
CA ILE A 234 -6.64 -13.14 -2.44
C ILE A 234 -6.20 -14.03 -1.25
N ASN A 235 -4.89 -14.44 -1.22
CA ASN A 235 -4.30 -15.20 -0.11
C ASN A 235 -4.48 -14.46 1.22
N ASP A 236 -4.36 -13.14 1.19
CA ASP A 236 -4.51 -12.25 2.34
C ASP A 236 -5.98 -11.96 2.73
N GLY A 237 -6.92 -12.59 2.03
CA GLY A 237 -8.36 -12.48 2.30
C GLY A 237 -9.21 -11.65 1.35
N ALA A 238 -8.62 -11.06 0.27
CA ALA A 238 -9.39 -10.27 -0.72
C ALA A 238 -10.46 -11.12 -1.44
N ASN A 239 -11.70 -10.59 -1.51
CA ASN A 239 -12.85 -11.23 -2.13
C ASN A 239 -12.86 -10.90 -3.62
N PHE A 240 -11.79 -11.34 -4.30
CA PHE A 240 -11.58 -11.09 -5.71
C PHE A 240 -11.35 -12.40 -6.44
N ALA A 241 -11.62 -12.39 -7.74
CA ALA A 241 -11.36 -13.51 -8.64
C ALA A 241 -10.58 -12.94 -9.83
N TYR A 242 -9.95 -13.83 -10.62
CA TYR A 242 -9.22 -13.40 -11.81
C TYR A 242 -9.21 -14.45 -12.90
N THR A 243 -8.73 -14.06 -14.07
CA THR A 243 -8.62 -14.94 -15.23
C THR A 243 -7.32 -14.68 -15.99
N PHE A 244 -6.83 -15.68 -16.71
CA PHE A 244 -5.67 -15.50 -17.60
C PHE A 244 -6.14 -15.09 -19.00
N ASN A 245 -7.49 -15.12 -19.25
CA ASN A 245 -8.03 -14.74 -20.56
C ASN A 245 -7.66 -13.31 -20.91
N ASP A 246 -7.06 -13.12 -22.09
CA ASP A 246 -6.58 -11.82 -22.59
C ASP A 246 -5.37 -11.24 -21.85
N ALA A 247 -4.74 -12.03 -20.96
CA ALA A 247 -3.60 -11.55 -20.19
C ALA A 247 -2.35 -11.45 -21.05
N GLN A 248 -1.46 -10.54 -20.69
CA GLN A 248 -0.19 -10.39 -21.38
C GLN A 248 0.86 -11.20 -20.63
N LEU A 249 1.49 -12.16 -21.34
CA LEU A 249 2.54 -12.96 -20.74
C LEU A 249 3.86 -12.16 -20.75
N GLY A 250 4.26 -11.69 -19.57
CA GLY A 250 5.48 -10.90 -19.42
C GLY A 250 6.69 -11.68 -18.95
N THR A 251 7.89 -11.06 -19.08
CA THR A 251 9.14 -11.64 -18.62
C THR A 251 9.92 -10.62 -17.78
N ASP A 252 10.18 -10.97 -16.52
CA ASP A 252 10.98 -10.15 -15.63
C ASP A 252 12.37 -10.73 -15.59
N GLY A 253 13.35 -9.87 -15.37
CA GLY A 253 14.75 -10.28 -15.28
C GLY A 253 15.65 -9.20 -14.78
N TYR A 254 16.95 -9.47 -14.79
CA TYR A 254 17.96 -8.58 -14.24
C TYR A 254 18.91 -8.03 -15.30
N ALA A 255 19.42 -6.84 -15.02
CA ALA A 255 20.37 -6.07 -15.80
C ALA A 255 21.31 -5.35 -14.84
N ILE A 256 22.54 -5.08 -15.29
CA ILE A 256 23.53 -4.36 -14.47
C ILE A 256 23.60 -2.94 -15.03
N VAL A 257 23.41 -1.94 -14.15
CA VAL A 257 23.44 -0.51 -14.51
C VAL A 257 24.83 -0.11 -15.05
N LYS A 258 24.86 0.64 -16.16
CA LYS A 258 26.11 1.11 -16.77
C LYS A 258 26.84 2.01 -15.73
N GLY A 259 28.04 1.60 -15.36
CA GLY A 259 28.84 2.31 -14.38
C GLY A 259 28.57 1.83 -12.97
N ALA A 260 27.93 0.64 -12.83
CA ALA A 260 27.64 -0.01 -11.53
C ALA A 260 28.92 0.01 -10.67
N PRO A 261 28.87 0.60 -9.45
CA PRO A 261 30.09 0.68 -8.61
C PRO A 261 30.72 -0.67 -8.27
N HIS A 262 29.89 -1.72 -8.14
CA HIS A 262 30.36 -3.08 -7.84
C HIS A 262 30.05 -4.03 -8.99
N ARG A 263 30.33 -3.61 -10.24
CA ARG A 263 30.05 -4.35 -11.48
C ARG A 263 30.45 -5.83 -11.47
N ASP A 264 31.76 -6.17 -11.28
CA ASP A 264 32.17 -7.58 -11.31
C ASP A 264 31.62 -8.45 -10.17
N ALA A 265 31.40 -7.84 -8.99
CA ALA A 265 30.76 -8.49 -7.85
C ALA A 265 29.26 -8.75 -8.20
N ALA A 266 28.58 -7.75 -8.79
CA ALA A 266 27.19 -7.84 -9.26
C ALA A 266 27.04 -8.90 -10.38
N MET A 267 28.06 -9.03 -11.26
CA MET A 267 28.06 -10.03 -12.34
C MET A 267 28.10 -11.43 -11.70
N ARG A 268 28.98 -11.64 -10.71
CA ARG A 268 29.12 -12.88 -9.93
C ARG A 268 27.81 -13.27 -9.20
N PHE A 269 27.17 -12.30 -8.56
CA PHE A 269 25.91 -12.41 -7.82
C PHE A 269 24.76 -12.80 -8.77
N LEU A 270 24.67 -12.10 -9.93
CA LEU A 270 23.66 -12.37 -10.95
C LEU A 270 23.83 -13.78 -11.52
N LYS A 271 25.10 -14.21 -11.81
CA LYS A 271 25.37 -15.57 -12.31
C LYS A 271 24.85 -16.63 -11.29
N GLU A 272 25.20 -16.46 -10.01
CA GLU A 272 24.78 -17.37 -8.95
C GLU A 272 23.27 -17.43 -8.77
N MET A 273 22.60 -16.27 -8.60
CA MET A 273 21.14 -16.24 -8.37
C MET A 273 20.28 -16.78 -9.55
N SER A 274 20.86 -16.92 -10.75
CA SER A 274 20.15 -17.42 -11.94
C SER A 274 20.09 -18.95 -11.98
N LYS A 275 20.81 -19.60 -11.06
CA LYS A 275 20.89 -21.07 -11.00
C LYS A 275 19.57 -21.71 -10.59
N ALA A 276 19.30 -22.91 -11.13
CA ALA A 276 18.11 -23.71 -10.90
C ALA A 276 17.84 -24.01 -9.42
N GLU A 277 18.91 -24.23 -8.63
CA GLU A 277 18.84 -24.52 -7.19
C GLU A 277 18.18 -23.40 -6.37
N TYR A 278 18.19 -22.14 -6.89
CA TYR A 278 17.57 -20.97 -6.24
C TYR A 278 16.23 -20.69 -6.89
N GLN A 279 16.23 -20.72 -8.26
CA GLN A 279 15.05 -20.48 -9.10
C GLN A 279 13.86 -21.35 -8.68
N LYS A 280 14.12 -22.60 -8.27
CA LYS A 280 13.10 -23.56 -7.78
C LYS A 280 12.21 -23.02 -6.63
N ASP A 281 12.79 -22.18 -5.73
CA ASP A 281 12.11 -21.62 -4.56
C ASP A 281 11.38 -20.32 -4.84
N LEU A 282 11.63 -19.70 -5.99
CA LEU A 282 10.96 -18.45 -6.35
C LEU A 282 9.42 -18.46 -6.17
N PRO A 283 8.65 -19.54 -6.50
CA PRO A 283 7.20 -19.50 -6.32
C PRO A 283 6.66 -20.15 -5.04
N ASN A 284 7.53 -20.38 -4.03
CA ASN A 284 7.15 -21.02 -2.75
C ASN A 284 5.93 -20.42 -2.08
N SER A 285 5.84 -19.08 -2.03
CA SER A 285 4.68 -18.37 -1.48
C SER A 285 4.08 -17.39 -2.50
N PHE A 286 4.94 -16.69 -3.29
CA PHE A 286 4.53 -15.74 -4.32
C PHE A 286 4.22 -16.43 -5.63
N ALA A 287 3.09 -16.11 -6.23
CA ALA A 287 2.62 -16.72 -7.48
C ALA A 287 3.34 -16.15 -8.70
N THR A 288 4.50 -16.75 -9.02
CA THR A 288 5.33 -16.41 -10.16
C THR A 288 5.83 -17.70 -10.82
N ALA A 289 6.35 -17.60 -12.03
CA ALA A 289 6.87 -18.78 -12.72
C ALA A 289 8.37 -18.62 -12.93
N PRO A 290 9.24 -19.51 -12.38
CA PRO A 290 10.69 -19.37 -12.64
C PRO A 290 11.03 -19.45 -14.13
N ALA A 291 12.10 -18.77 -14.54
CA ALA A 291 12.50 -18.74 -15.96
C ALA A 291 13.53 -19.82 -16.31
N ASN A 292 14.32 -20.24 -15.30
CA ASN A 292 15.29 -21.31 -15.49
C ASN A 292 14.51 -22.61 -15.57
N MET A 293 14.47 -23.21 -16.78
CA MET A 293 13.72 -24.45 -17.07
C MET A 293 14.15 -25.64 -16.23
N LYS A 294 15.40 -25.64 -15.75
CA LYS A 294 15.95 -26.71 -14.92
C LYS A 294 15.37 -26.68 -13.50
N ALA A 295 14.81 -25.54 -13.06
CA ALA A 295 14.19 -25.38 -11.76
C ALA A 295 12.94 -26.27 -11.56
N TYR A 296 12.15 -26.52 -12.62
CA TYR A 296 10.91 -27.31 -12.60
C TYR A 296 11.14 -28.76 -12.20
N ASP A 297 12.27 -29.34 -12.66
CA ASP A 297 12.65 -30.71 -12.35
C ASP A 297 13.08 -30.84 -10.91
N LEU A 298 13.73 -29.78 -10.36
CA LEU A 298 14.23 -29.70 -8.98
C LEU A 298 13.10 -29.49 -7.95
N ALA A 299 12.10 -28.69 -8.30
CA ALA A 299 10.98 -28.41 -7.41
C ALA A 299 9.78 -29.35 -7.55
N LYS A 300 9.58 -29.96 -8.75
CA LYS A 300 8.48 -30.87 -9.10
C LYS A 300 7.10 -30.39 -8.65
N TYR A 301 6.77 -29.11 -8.97
CA TYR A 301 5.52 -28.43 -8.62
C TYR A 301 4.26 -29.28 -8.87
N THR A 302 3.27 -29.15 -7.98
CA THR A 302 1.98 -29.85 -8.06
C THR A 302 1.15 -29.21 -9.18
N PRO A 303 0.22 -29.95 -9.85
CA PRO A 303 -0.61 -29.30 -10.88
C PRO A 303 -1.33 -28.04 -10.38
N GLU A 304 -1.78 -28.04 -9.10
CA GLU A 304 -2.44 -26.88 -8.46
C GLU A 304 -1.52 -25.65 -8.45
N LYS A 305 -0.22 -25.86 -8.14
CA LYS A 305 0.80 -24.80 -8.13
C LYS A 305 1.02 -24.29 -9.56
N MET A 306 1.02 -25.21 -10.53
CA MET A 306 1.23 -24.89 -11.95
C MET A 306 0.12 -24.01 -12.54
N ALA A 307 -1.12 -24.18 -12.05
CA ALA A 307 -2.31 -23.46 -12.51
C ALA A 307 -2.25 -21.96 -12.23
N THR A 308 -1.47 -21.55 -11.22
CA THR A 308 -1.28 -20.14 -10.85
C THR A 308 -0.16 -19.54 -11.70
N MET A 309 0.66 -20.41 -12.35
CA MET A 309 1.81 -19.97 -13.14
C MET A 309 1.43 -19.43 -14.50
N ALA A 310 1.93 -18.23 -14.83
CA ALA A 310 1.73 -17.52 -16.10
C ALA A 310 2.17 -18.37 -17.30
N SER A 311 3.26 -19.16 -17.13
CA SER A 311 3.83 -19.96 -18.21
C SER A 311 3.29 -21.40 -18.33
N ALA A 312 2.29 -21.77 -17.48
CA ALA A 312 1.67 -23.09 -17.54
C ALA A 312 0.98 -23.24 -18.91
N PRO A 313 1.12 -24.39 -19.61
CA PRO A 313 0.48 -24.55 -20.94
C PRO A 313 -0.97 -24.05 -21.05
N GLU A 314 -1.86 -24.45 -20.11
CA GLU A 314 -3.28 -24.03 -20.14
C GLU A 314 -3.48 -22.54 -19.99
N ASN A 315 -2.56 -21.87 -19.29
CA ASN A 315 -2.62 -20.43 -19.09
C ASN A 315 -2.12 -19.65 -20.30
N VAL A 316 -0.99 -20.09 -20.89
CA VAL A 316 -0.35 -19.52 -22.09
C VAL A 316 -1.34 -19.55 -23.28
N ALA A 317 -2.16 -20.61 -23.35
CA ALA A 317 -3.16 -20.83 -24.39
C ALA A 317 -4.14 -19.64 -24.56
N VAL A 318 -4.42 -18.88 -23.46
CA VAL A 318 -5.36 -17.74 -23.49
C VAL A 318 -4.71 -16.36 -23.37
N GLN A 319 -3.38 -16.33 -23.44
CA GLN A 319 -2.57 -15.11 -23.37
C GLN A 319 -1.90 -14.80 -24.70
N TYR A 320 -1.12 -13.72 -24.70
CA TYR A 320 -0.27 -13.32 -25.81
C TYR A 320 1.00 -12.82 -25.14
N SER A 321 2.15 -12.99 -25.79
CA SER A 321 3.39 -12.54 -25.18
C SER A 321 3.65 -11.08 -25.48
N VAL A 322 4.20 -10.32 -24.49
CA VAL A 322 4.62 -8.92 -24.72
C VAL A 322 5.66 -8.91 -25.90
N ASP A 323 5.62 -7.87 -26.72
CA ASP A 323 6.58 -7.78 -27.82
C ASP A 323 7.57 -6.64 -27.59
N PRO A 324 8.83 -6.98 -27.19
CA PRO A 324 9.84 -5.92 -26.99
C PRO A 324 10.12 -5.09 -28.25
N ASN A 325 9.99 -5.70 -29.46
CA ASN A 325 10.21 -5.00 -30.73
C ASN A 325 9.27 -3.79 -30.91
N PHE A 326 8.00 -3.90 -30.43
CA PHE A 326 7.03 -2.79 -30.47
C PHE A 326 7.50 -1.66 -29.55
N TRP A 327 7.82 -2.02 -28.29
CA TRP A 327 8.25 -1.07 -27.26
C TRP A 327 9.57 -0.39 -27.59
N ALA A 328 10.51 -1.13 -28.25
CA ALA A 328 11.81 -0.58 -28.71
C ALA A 328 11.61 0.64 -29.64
N LYS A 329 10.50 0.65 -30.38
CA LYS A 329 10.17 1.68 -31.35
C LYS A 329 9.18 2.73 -30.84
N HIS A 330 8.10 2.31 -30.15
CA HIS A 330 7.00 3.19 -29.73
C HIS A 330 6.86 3.63 -28.26
N ALA A 331 7.83 3.29 -27.39
CA ALA A 331 7.76 3.65 -25.96
C ALA A 331 7.54 5.14 -25.68
N LYS A 332 8.36 6.03 -26.29
CA LYS A 332 8.25 7.49 -26.11
C LYS A 332 6.87 8.01 -26.51
N TRP A 333 6.34 7.56 -27.68
CA TRP A 333 4.99 7.93 -28.13
C TRP A 333 3.99 7.46 -27.07
N ALA A 334 4.12 6.18 -26.64
CA ALA A 334 3.26 5.54 -25.65
C ALA A 334 3.28 6.28 -24.31
N SER A 335 4.48 6.61 -23.75
CA SER A 335 4.69 7.34 -22.49
C SER A 335 3.98 8.67 -22.47
N GLU A 336 4.06 9.44 -23.58
CA GLU A 336 3.44 10.75 -23.71
C GLU A 336 1.93 10.61 -23.93
N ALA A 337 1.52 9.73 -24.87
CA ALA A 337 0.11 9.53 -25.19
C ALA A 337 -0.69 9.01 -23.97
N TYR A 338 -0.11 8.07 -23.22
CA TYR A 338 -0.76 7.47 -22.05
C TYR A 338 -0.87 8.47 -20.90
N ASP A 339 0.17 9.33 -20.71
CA ASP A 339 0.19 10.43 -19.72
C ASP A 339 -1.05 11.32 -19.93
N ASN A 340 -1.34 11.70 -21.21
CA ASN A 340 -2.49 12.54 -21.59
C ASN A 340 -3.82 11.89 -21.22
N VAL A 341 -3.97 10.55 -21.46
CA VAL A 341 -5.18 9.77 -21.11
C VAL A 341 -5.45 9.88 -19.58
N ARG A 342 -4.38 9.77 -18.76
CA ARG A 342 -4.43 9.87 -17.30
C ARG A 342 -4.69 11.30 -16.79
N LEU A 343 -4.07 12.32 -17.42
CA LEU A 343 -4.21 13.74 -17.09
C LEU A 343 -5.64 14.24 -17.31
N MET B 21 -30.24 -1.64 1.21
CA MET B 21 -30.71 -2.42 2.35
C MET B 21 -29.66 -2.68 3.45
N ASP B 22 -28.36 -2.73 3.09
CA ASP B 22 -27.30 -2.98 4.07
C ASP B 22 -26.91 -1.72 4.81
N VAL B 23 -26.60 -1.83 6.11
CA VAL B 23 -26.03 -0.76 6.93
C VAL B 23 -24.62 -0.57 6.36
N VAL B 24 -24.26 0.66 5.95
CA VAL B 24 -22.94 0.89 5.38
C VAL B 24 -22.02 1.43 6.49
N ILE B 25 -20.92 0.72 6.76
CA ILE B 25 -19.91 1.07 7.76
C ILE B 25 -18.56 1.39 7.08
N ALA B 26 -17.94 2.50 7.47
CA ALA B 26 -16.70 2.94 6.85
C ALA B 26 -15.54 3.21 7.82
N SER B 27 -14.37 2.64 7.53
CA SER B 27 -13.17 2.93 8.31
C SER B 27 -12.03 3.23 7.32
N SER B 28 -10.78 3.19 7.78
CA SER B 28 -9.63 3.57 6.96
C SER B 28 -8.81 2.49 6.26
N GLY B 29 -9.37 1.29 6.14
CA GLY B 29 -8.73 0.18 5.42
C GLY B 29 -7.59 -0.51 6.13
N GLY B 30 -6.94 -1.39 5.38
CA GLY B 30 -5.80 -2.19 5.82
C GLY B 30 -6.11 -3.01 7.05
N GLY B 31 -5.05 -3.23 7.85
CA GLY B 31 -5.09 -4.05 9.06
C GLY B 31 -6.09 -3.59 10.11
N TRP B 32 -6.24 -2.26 10.27
CA TRP B 32 -7.17 -1.67 11.24
C TRP B 32 -8.62 -1.98 10.88
N GLN B 33 -8.99 -1.86 9.58
CA GLN B 33 -10.35 -2.16 9.15
C GLN B 33 -10.66 -3.64 9.30
N GLU B 34 -9.71 -4.49 8.89
CA GLU B 34 -9.81 -5.96 8.97
C GLU B 34 -10.02 -6.40 10.43
N ALA B 35 -9.31 -5.77 11.38
CA ALA B 35 -9.43 -6.04 12.82
C ALA B 35 -10.85 -5.68 13.32
N GLN B 36 -11.39 -4.50 12.91
CA GLN B 36 -12.75 -4.07 13.28
C GLN B 36 -13.79 -5.02 12.68
N ASP B 37 -13.64 -5.37 11.40
CA ASP B 37 -14.58 -6.27 10.73
C ASP B 37 -14.63 -7.65 11.42
N LYS B 38 -13.46 -8.23 11.69
CA LYS B 38 -13.33 -9.55 12.32
C LYS B 38 -13.83 -9.57 13.77
N ALA B 39 -13.40 -8.59 14.59
CA ALA B 39 -13.73 -8.55 16.01
C ALA B 39 -15.08 -7.96 16.36
N LEU B 40 -15.50 -6.92 15.61
CA LEU B 40 -16.71 -6.17 15.95
C LEU B 40 -17.86 -6.34 14.98
N TRP B 41 -17.65 -5.96 13.70
CA TRP B 41 -18.71 -5.91 12.70
C TRP B 41 -19.36 -7.24 12.35
N ALA B 42 -18.56 -8.23 11.90
CA ALA B 42 -19.06 -9.57 11.57
C ALA B 42 -19.78 -10.23 12.75
N PRO B 43 -19.22 -10.26 14.01
CA PRO B 43 -19.97 -10.85 15.13
C PRO B 43 -21.21 -10.06 15.58
N ALA B 44 -21.17 -8.70 15.57
CA ALA B 44 -22.33 -7.87 15.99
C ALA B 44 -23.49 -8.02 15.03
N ALA B 45 -23.20 -7.99 13.71
CA ALA B 45 -24.20 -8.18 12.66
C ALA B 45 -24.82 -9.58 12.72
N LYS B 46 -24.00 -10.61 13.02
CA LYS B 46 -24.44 -12.01 13.15
C LYS B 46 -25.38 -12.17 14.35
N ALA B 47 -25.07 -11.50 15.47
CA ALA B 47 -25.88 -11.53 16.68
C ALA B 47 -27.21 -10.80 16.50
N LEU B 48 -27.21 -9.72 15.67
CA LEU B 48 -28.42 -8.93 15.40
C LEU B 48 -29.18 -9.44 14.19
N ASN B 49 -28.59 -10.42 13.48
CA ASN B 49 -29.13 -11.04 12.27
C ASN B 49 -29.39 -9.96 11.19
N ILE B 50 -28.41 -9.08 11.01
CA ILE B 50 -28.43 -7.96 10.06
C ILE B 50 -27.28 -8.10 9.03
N THR B 51 -27.45 -7.45 7.85
CA THR B 51 -26.45 -7.42 6.79
C THR B 51 -25.82 -6.04 6.73
N TYR B 52 -24.53 -5.98 6.38
CA TYR B 52 -23.80 -4.73 6.29
C TYR B 52 -22.79 -4.77 5.14
N THR B 53 -22.44 -3.57 4.63
CA THR B 53 -21.51 -3.31 3.54
C THR B 53 -20.39 -2.41 4.05
N GLN B 54 -19.14 -2.75 3.70
CA GLN B 54 -17.99 -1.97 4.10
C GLN B 54 -17.61 -0.91 3.03
N ASP B 55 -17.02 0.18 3.48
CA ASP B 55 -16.44 1.20 2.61
C ASP B 55 -15.17 1.73 3.30
N THR B 56 -14.28 2.37 2.53
CA THR B 56 -13.03 2.93 3.06
C THR B 56 -12.91 4.42 2.71
N PHE B 57 -12.35 5.19 3.67
CA PHE B 57 -12.16 6.63 3.53
C PHE B 57 -11.00 7.07 4.44
N GLN B 58 -10.47 8.26 4.20
CA GLN B 58 -9.30 8.74 4.94
C GLN B 58 -9.51 10.03 5.75
N ASN B 59 -10.66 10.71 5.54
CA ASN B 59 -10.97 11.98 6.20
C ASN B 59 -12.48 12.19 6.33
N TRP B 60 -12.91 12.71 7.50
CA TRP B 60 -14.32 13.03 7.80
C TRP B 60 -14.91 14.05 6.79
N ALA B 61 -14.05 14.81 6.07
CA ALA B 61 -14.46 15.77 5.04
C ALA B 61 -15.20 15.06 3.90
N GLU B 62 -14.89 13.76 3.64
CA GLU B 62 -15.59 12.94 2.63
C GLU B 62 -17.05 12.71 3.06
N ALA B 63 -17.30 12.61 4.38
CA ALA B 63 -18.65 12.46 4.93
C ALA B 63 -19.39 13.83 4.84
N ARG B 64 -18.64 14.93 5.03
CA ARG B 64 -19.14 16.31 4.88
C ARG B 64 -19.64 16.54 3.44
N ALA B 65 -18.89 16.07 2.42
CA ALA B 65 -19.26 16.23 1.01
C ALA B 65 -20.52 15.43 0.63
N GLN B 66 -20.78 14.31 1.32
CA GLN B 66 -21.97 13.47 1.09
C GLN B 66 -23.21 14.18 1.64
N VAL B 67 -23.09 14.78 2.85
CA VAL B 67 -24.12 15.55 3.53
C VAL B 67 -24.44 16.82 2.70
N GLU B 68 -23.39 17.56 2.27
CA GLU B 68 -23.51 18.79 1.47
C GLU B 68 -24.03 18.57 0.05
N SER B 69 -23.85 17.35 -0.50
CA SER B 69 -24.36 17.00 -1.83
C SER B 69 -25.87 16.69 -1.78
N GLY B 70 -26.34 16.27 -0.60
CA GLY B 70 -27.72 15.86 -0.38
C GLY B 70 -27.90 14.38 -0.61
N SER B 71 -26.78 13.64 -0.79
CA SER B 71 -26.79 12.21 -1.05
C SER B 71 -25.87 11.49 -0.07
N VAL B 72 -26.49 10.89 0.96
CA VAL B 72 -25.76 10.18 2.02
C VAL B 72 -25.93 8.66 1.84
N THR B 73 -24.80 7.94 1.64
CA THR B 73 -24.80 6.48 1.47
C THR B 73 -24.18 5.80 2.70
N TRP B 74 -23.27 6.48 3.41
CA TRP B 74 -22.67 5.92 4.62
C TRP B 74 -23.60 6.02 5.83
N ASP B 75 -23.61 4.98 6.69
CA ASP B 75 -24.39 4.99 7.93
C ASP B 75 -23.47 5.27 9.10
N ILE B 76 -22.52 4.36 9.34
CA ILE B 76 -21.53 4.47 10.42
C ILE B 76 -20.17 4.84 9.84
N ILE B 77 -19.53 5.85 10.45
CA ILE B 77 -18.18 6.27 10.04
C ILE B 77 -17.22 6.18 11.23
N GLN B 78 -16.03 5.61 10.99
CA GLN B 78 -15.02 5.54 12.03
C GLN B 78 -14.16 6.79 11.90
N ILE B 79 -14.18 7.61 12.96
CA ILE B 79 -13.42 8.88 13.01
C ILE B 79 -12.61 8.93 14.30
N GLY B 80 -11.82 9.99 14.44
CA GLY B 80 -11.01 10.23 15.60
C GLY B 80 -11.66 11.23 16.54
N ILE B 81 -11.36 11.11 17.85
CA ILE B 81 -11.93 11.97 18.89
C ILE B 81 -11.79 13.48 18.59
N ALA B 82 -10.68 13.90 17.95
CA ALA B 82 -10.44 15.31 17.57
C ALA B 82 -11.21 15.75 16.29
N ASP B 83 -11.65 14.79 15.43
CA ASP B 83 -12.48 15.11 14.26
C ASP B 83 -13.90 15.40 14.73
N GLU B 84 -14.35 14.69 15.81
CA GLU B 84 -15.71 14.81 16.36
C GLU B 84 -16.21 16.27 16.56
N PRO B 85 -15.48 17.18 17.26
CA PRO B 85 -15.99 18.57 17.43
C PRO B 85 -16.23 19.30 16.10
N GLN B 86 -15.31 19.15 15.13
CA GLN B 86 -15.38 19.78 13.80
C GLN B 86 -16.55 19.23 13.00
N ALA B 87 -16.69 17.89 12.98
CA ALA B 87 -17.74 17.16 12.26
C ALA B 87 -19.15 17.54 12.78
N LYS B 88 -19.32 17.52 14.13
CA LYS B 88 -20.55 17.89 14.83
C LYS B 88 -20.97 19.32 14.52
N ALA B 89 -20.00 20.27 14.49
CA ALA B 89 -20.23 21.69 14.20
C ALA B 89 -20.61 21.95 12.74
N ALA B 90 -20.11 21.11 11.81
CA ALA B 90 -20.40 21.21 10.37
C ALA B 90 -21.69 20.44 9.98
N GLY B 91 -22.44 19.97 10.98
CA GLY B 91 -23.70 19.25 10.84
C GLY B 91 -23.63 17.94 10.09
N VAL B 92 -22.49 17.25 10.20
CA VAL B 92 -22.22 15.98 9.56
C VAL B 92 -22.66 14.78 10.44
N LEU B 93 -22.75 14.98 11.78
CA LEU B 93 -23.09 13.86 12.68
C LEU B 93 -24.49 13.85 13.29
N GLU B 94 -25.09 12.65 13.34
CA GLU B 94 -26.39 12.42 13.97
C GLU B 94 -26.13 12.37 15.47
N LYS B 95 -27.07 12.88 16.29
CA LYS B 95 -26.94 12.77 17.74
C LYS B 95 -27.30 11.32 18.07
N LEU B 96 -26.41 10.62 18.79
CA LEU B 96 -26.63 9.23 19.17
C LEU B 96 -27.66 9.11 20.30
N ASP B 97 -28.37 7.96 20.37
CA ASP B 97 -29.36 7.67 21.40
C ASP B 97 -28.69 7.69 22.79
N PRO B 98 -29.31 8.33 23.82
CA PRO B 98 -28.69 8.29 25.15
C PRO B 98 -28.77 6.85 25.65
N ASP B 99 -27.72 6.42 26.30
CA ASP B 99 -27.50 5.07 26.82
C ASP B 99 -27.22 3.99 25.76
N ILE B 100 -26.62 4.44 24.62
CA ILE B 100 -26.13 3.58 23.53
C ILE B 100 -24.99 2.71 24.13
N VAL B 101 -24.28 3.29 25.12
CA VAL B 101 -23.21 2.74 25.93
C VAL B 101 -23.33 3.32 27.34
N ASN B 102 -22.74 2.64 28.33
CA ASN B 102 -22.68 3.14 29.70
C ASN B 102 -21.32 3.84 29.81
N LYS B 103 -21.34 5.18 29.93
CA LYS B 103 -20.15 6.05 29.99
C LYS B 103 -19.06 5.60 30.99
N ALA B 104 -19.46 4.94 32.11
CA ALA B 104 -18.56 4.39 33.12
C ALA B 104 -17.65 3.24 32.57
N ASP B 105 -18.02 2.62 31.43
CA ASP B 105 -17.27 1.52 30.79
C ASP B 105 -16.18 2.04 29.85
N PHE B 106 -16.20 3.35 29.54
CA PHE B 106 -15.27 3.95 28.59
C PHE B 106 -14.40 5.04 29.24
N PRO B 107 -13.19 5.40 28.70
CA PRO B 107 -12.40 6.49 29.32
C PRO B 107 -13.18 7.83 29.33
N PRO B 108 -12.95 8.72 30.31
CA PRO B 108 -13.73 9.97 30.35
C PRO B 108 -13.55 10.86 29.11
N GLY B 109 -14.67 11.32 28.56
CA GLY B 109 -14.70 12.16 27.36
C GLY B 109 -14.61 11.43 26.04
N SER B 110 -14.39 10.10 26.08
CA SER B 110 -14.27 9.27 24.87
C SER B 110 -15.65 8.96 24.25
N VAL B 111 -16.74 9.27 24.98
CA VAL B 111 -18.13 9.08 24.56
C VAL B 111 -18.88 10.42 24.67
N THR B 112 -19.29 10.97 23.52
CA THR B 112 -20.02 12.24 23.45
C THR B 112 -21.47 11.92 23.01
N ASP B 113 -22.29 12.96 22.74
CA ASP B 113 -23.66 12.77 22.24
C ASP B 113 -23.67 12.31 20.77
N SER B 114 -22.51 12.40 20.06
CA SER B 114 -22.38 12.05 18.63
C SER B 114 -21.20 11.13 18.29
N PHE B 115 -20.57 10.52 19.32
CA PHE B 115 -19.39 9.67 19.15
C PHE B 115 -19.25 8.63 20.25
N VAL B 116 -18.95 7.38 19.85
CA VAL B 116 -18.67 6.27 20.76
C VAL B 116 -17.26 5.73 20.46
N ALA B 117 -16.35 5.82 21.43
CA ALA B 117 -14.99 5.29 21.28
C ALA B 117 -15.01 3.76 21.09
N ASN B 118 -14.05 3.23 20.30
CA ASN B 118 -13.90 1.79 20.10
C ASN B 118 -12.47 1.35 20.47
N SER B 119 -11.51 2.31 20.53
CA SER B 119 -10.12 2.04 20.82
C SER B 119 -9.27 3.28 21.09
N ASN B 120 -8.07 3.03 21.67
CA ASN B 120 -6.98 3.97 21.86
C ASN B 120 -5.82 3.45 21.01
N TYR B 121 -5.05 4.40 20.47
CA TYR B 121 -3.91 4.16 19.61
C TYR B 121 -2.86 5.24 19.84
N SER B 122 -1.67 5.04 19.28
CA SER B 122 -0.62 6.03 19.40
C SER B 122 -0.13 6.48 18.03
N THR B 123 0.06 7.80 17.87
CA THR B 123 0.72 8.39 16.69
C THR B 123 2.16 8.51 17.17
N LEU B 124 3.05 7.63 16.67
CA LEU B 124 4.40 7.52 17.22
C LEU B 124 5.55 7.52 16.20
N ILE B 125 6.80 7.51 16.74
CA ILE B 125 8.04 7.46 15.94
C ILE B 125 8.49 6.02 15.72
N ALA B 126 8.65 5.64 14.44
CA ALA B 126 9.18 4.38 13.96
C ALA B 126 10.40 4.69 13.07
N TRP B 127 11.46 3.90 13.22
CA TRP B 127 12.69 4.08 12.45
C TRP B 127 13.22 2.79 11.84
N ASN B 128 13.89 2.95 10.71
CA ASN B 128 14.48 1.90 9.92
C ASN B 128 15.77 1.40 10.59
N LYS B 129 15.76 0.14 11.05
CA LYS B 129 16.94 -0.50 11.64
C LYS B 129 18.13 -0.69 10.68
N LYS B 130 17.89 -0.80 9.37
CA LYS B 130 18.98 -0.91 8.41
C LYS B 130 19.71 0.45 8.37
N THR B 131 18.92 1.53 8.44
CA THR B 131 19.46 2.86 8.47
C THR B 131 20.26 3.23 9.74
N TYR B 132 19.64 3.08 10.90
CA TYR B 132 20.18 3.55 12.18
C TYR B 132 20.56 2.50 13.18
N GLY B 133 20.17 1.25 12.92
CA GLY B 133 20.35 0.15 13.85
C GLY B 133 19.54 0.42 15.09
N ASP B 134 20.11 0.16 16.28
CA ASP B 134 19.44 0.48 17.55
C ASP B 134 19.50 1.99 17.88
N ASN B 135 20.37 2.72 17.19
CA ASN B 135 20.59 4.14 17.42
C ASN B 135 19.71 5.06 16.58
N GLY B 136 18.41 4.79 16.62
CA GLY B 136 17.42 5.58 15.90
C GLY B 136 16.86 6.72 16.74
N PRO B 137 16.02 7.57 16.11
CA PRO B 137 15.40 8.68 16.86
C PRO B 137 14.45 8.18 17.95
N LYS B 138 14.64 8.68 19.19
CA LYS B 138 13.82 8.25 20.33
C LYS B 138 12.97 9.38 20.94
N SER B 139 12.87 10.51 20.21
CA SER B 139 12.14 11.71 20.61
C SER B 139 11.77 12.55 19.38
N MET B 140 10.84 13.51 19.56
CA MET B 140 10.48 14.42 18.46
C MET B 140 11.63 15.36 18.05
N ALA B 141 12.50 15.73 19.04
CA ALA B 141 13.70 16.55 18.79
C ALA B 141 14.64 15.75 17.89
N ASP B 142 14.82 14.44 18.18
CA ASP B 142 15.62 13.50 17.40
C ASP B 142 15.04 13.33 15.99
N PHE B 143 13.70 13.20 15.87
CA PHE B 143 13.01 13.02 14.58
C PHE B 143 13.29 14.23 13.69
N PHE B 144 13.21 15.42 14.26
CA PHE B 144 13.44 16.67 13.53
C PHE B 144 14.91 17.00 13.32
N ASP B 145 15.83 16.22 13.94
CA ASP B 145 17.29 16.43 13.86
C ASP B 145 17.92 15.75 12.65
N VAL B 146 17.89 16.43 11.48
CA VAL B 146 18.44 15.96 10.20
C VAL B 146 19.97 15.91 10.29
N LYS B 147 20.55 16.68 11.23
CA LYS B 147 21.99 16.70 11.43
C LYS B 147 22.49 15.43 12.12
N LYS B 148 21.89 15.06 13.27
CA LYS B 148 22.28 13.85 14.01
C LYS B 148 21.72 12.59 13.34
N PHE B 149 20.49 12.67 12.79
CA PHE B 149 19.86 11.54 12.12
C PHE B 149 19.54 11.87 10.65
N PRO B 150 20.54 11.84 9.72
CA PRO B 150 20.24 12.13 8.32
C PRO B 150 19.38 11.02 7.73
N GLY B 151 18.45 11.41 6.85
CA GLY B 151 17.58 10.45 6.21
C GLY B 151 16.20 10.95 5.81
N LYS B 152 15.48 10.05 5.13
CA LYS B 152 14.13 10.29 4.59
C LYS B 152 13.07 10.15 5.68
N ARG B 153 12.33 11.25 5.92
CA ARG B 153 11.22 11.28 6.87
C ARG B 153 9.90 11.07 6.14
N ALA B 154 8.89 10.52 6.83
CA ALA B 154 7.52 10.40 6.33
C ALA B 154 6.57 10.89 7.39
N LEU B 155 5.68 11.80 7.00
CA LEU B 155 4.68 12.38 7.89
C LEU B 155 3.30 12.22 7.29
N TRP B 156 2.23 12.25 8.11
CA TRP B 156 0.86 12.15 7.64
C TRP B 156 0.55 13.38 6.75
N ASN B 157 -0.33 13.22 5.74
CA ASN B 157 -0.74 14.35 4.90
C ASN B 157 -1.84 15.19 5.60
N GLN B 158 -2.26 14.77 6.83
CA GLN B 158 -3.25 15.48 7.64
C GLN B 158 -2.55 16.00 8.92
N PRO B 159 -3.02 17.13 9.50
CA PRO B 159 -2.25 17.73 10.63
C PRO B 159 -2.31 17.14 12.04
N ILE B 160 -3.38 16.40 12.39
CA ILE B 160 -3.50 15.85 13.76
C ILE B 160 -2.30 14.96 14.18
N GLY B 161 -1.55 15.42 15.18
CA GLY B 161 -0.35 14.75 15.68
C GLY B 161 0.92 15.33 15.04
N MET B 162 0.79 15.92 13.85
CA MET B 162 1.90 16.52 13.10
C MET B 162 2.31 17.90 13.65
N ILE B 163 1.31 18.78 13.88
CA ILE B 163 1.49 20.12 14.46
C ILE B 163 2.12 19.98 15.84
N GLU B 164 1.55 19.09 16.67
CA GLU B 164 1.99 18.77 18.04
C GLU B 164 3.41 18.21 18.04
N ALA B 165 3.78 17.40 17.01
CA ALA B 165 5.12 16.78 16.89
C ALA B 165 6.20 17.90 16.78
N ALA B 166 5.92 18.92 15.96
CA ALA B 166 6.73 20.11 15.76
C ALA B 166 6.88 20.84 17.08
N ALA B 167 5.76 21.02 17.83
CA ALA B 167 5.78 21.70 19.14
C ALA B 167 6.70 20.94 20.10
N LEU B 168 6.64 19.59 20.10
CA LEU B 168 7.49 18.73 20.92
C LEU B 168 8.96 18.82 20.49
N ALA B 169 9.20 18.86 19.17
CA ALA B 169 10.54 19.03 18.60
C ALA B 169 11.21 20.35 19.01
N LEU B 170 10.40 21.41 19.26
CA LEU B 170 10.87 22.74 19.69
C LEU B 170 11.28 22.77 21.17
N GLY B 171 10.98 21.69 21.89
CA GLY B 171 11.37 21.54 23.28
C GLY B 171 10.24 21.75 24.26
N THR B 172 8.99 21.75 23.76
CA THR B 172 7.79 21.93 24.59
C THR B 172 7.59 20.67 25.44
N PRO B 173 7.40 20.76 26.78
CA PRO B 173 7.15 19.54 27.57
C PRO B 173 5.81 18.92 27.16
N ARG B 174 5.70 17.58 27.20
CA ARG B 174 4.50 16.81 26.81
C ARG B 174 3.20 17.31 27.42
N ASP B 175 3.23 17.73 28.70
CA ASP B 175 2.08 18.23 29.44
C ASP B 175 1.77 19.71 29.11
N LYS B 176 2.56 20.35 28.21
CA LYS B 176 2.36 21.76 27.82
C LYS B 176 2.13 21.95 26.30
N VAL B 177 1.99 20.85 25.53
CA VAL B 177 1.84 20.92 24.06
C VAL B 177 0.82 21.97 23.62
N TYR B 178 -0.42 21.82 24.07
CA TYR B 178 -1.55 22.67 23.75
C TYR B 178 -1.48 24.04 24.40
N GLU B 179 -0.72 24.16 25.51
CA GLU B 179 -0.49 25.43 26.20
C GLU B 179 0.38 26.29 25.27
N PHE B 180 1.42 25.69 24.67
CA PHE B 180 2.31 26.31 23.67
C PHE B 180 1.54 26.62 22.38
N LEU B 181 0.71 25.69 21.91
CA LEU B 181 -0.09 25.86 20.71
C LEU B 181 -1.35 26.76 20.92
N SER B 182 -1.60 27.27 22.16
CA SER B 182 -2.75 28.15 22.42
C SER B 182 -2.47 29.59 21.92
N THR B 183 -1.19 29.94 21.75
CA THR B 183 -0.78 31.25 21.27
C THR B 183 -0.57 31.21 19.76
N GLU B 184 -0.89 32.32 19.06
CA GLU B 184 -0.68 32.39 17.60
C GLU B 184 0.82 32.32 17.32
N GLU B 185 1.65 32.69 18.32
CA GLU B 185 3.12 32.69 18.31
C GLU B 185 3.64 31.25 18.24
N GLY B 186 3.13 30.40 19.12
CA GLY B 186 3.47 28.97 19.17
C GLY B 186 2.97 28.23 17.95
N ARG B 187 1.76 28.61 17.46
CA ARG B 187 1.19 28.00 16.26
C ARG B 187 2.10 28.30 15.05
N LYS B 188 2.53 29.56 14.89
CA LYS B 188 3.43 29.99 13.82
C LYS B 188 4.78 29.27 13.90
N ALA B 189 5.37 29.18 15.11
CA ALA B 189 6.65 28.51 15.35
C ALA B 189 6.60 27.02 14.97
N ALA B 190 5.53 26.30 15.36
CA ALA B 190 5.36 24.89 15.06
C ALA B 190 5.33 24.66 13.53
N ILE B 191 4.67 25.56 12.78
CA ILE B 191 4.60 25.52 11.31
C ILE B 191 5.98 25.81 10.71
N ALA B 192 6.73 26.77 11.30
CA ALA B 192 8.09 27.15 10.89
C ALA B 192 9.02 25.94 11.02
N LYS B 193 8.93 25.20 12.16
CA LYS B 193 9.69 23.97 12.44
C LYS B 193 9.41 22.86 11.41
N LEU B 194 8.13 22.70 10.99
CA LEU B 194 7.71 21.73 9.96
C LEU B 194 8.26 22.11 8.58
N THR B 195 8.27 23.43 8.27
CA THR B 195 8.81 24.00 7.03
C THR B 195 10.30 23.64 6.90
N GLU B 196 11.07 23.80 8.00
CA GLU B 196 12.48 23.44 8.11
C GLU B 196 12.70 21.93 7.87
N LEU B 197 11.77 21.07 8.37
CA LEU B 197 11.88 19.62 8.18
C LEU B 197 11.47 19.21 6.78
N ALA B 198 10.43 19.85 6.22
CA ALA B 198 9.85 19.58 4.90
C ALA B 198 10.81 19.10 3.76
N PRO B 199 12.01 19.70 3.50
CA PRO B 199 12.89 19.16 2.44
C PRO B 199 13.37 17.71 2.68
N SER B 200 13.38 17.26 3.95
CA SER B 200 13.79 15.91 4.35
C SER B 200 12.63 14.89 4.32
N VAL B 201 11.39 15.39 4.10
CA VAL B 201 10.18 14.55 4.05
C VAL B 201 10.08 13.99 2.63
N SER B 202 10.35 12.71 2.46
CA SER B 202 10.31 12.13 1.10
C SER B 202 8.89 11.75 0.69
N VAL B 203 8.00 11.48 1.67
CA VAL B 203 6.62 11.04 1.42
C VAL B 203 5.65 11.54 2.48
N TRP B 204 4.51 12.10 2.02
CA TRP B 204 3.45 12.57 2.91
C TRP B 204 2.42 11.44 2.82
N TRP B 205 2.56 10.42 3.72
CA TRP B 205 1.66 9.28 3.68
C TRP B 205 0.18 9.65 3.91
N GLU B 206 -0.70 8.95 3.19
CA GLU B 206 -2.12 9.29 3.24
C GLU B 206 -2.94 8.30 4.07
N SER B 207 -2.59 7.01 4.00
CA SER B 207 -3.32 5.95 4.68
C SER B 207 -2.39 5.11 5.52
N GLY B 208 -2.96 4.48 6.56
CA GLY B 208 -2.25 3.56 7.44
C GLY B 208 -1.57 2.42 6.70
N ALA B 209 -2.27 1.80 5.70
CA ALA B 209 -1.70 0.72 4.90
C ALA B 209 -0.52 1.22 4.03
N GLN B 210 -0.60 2.46 3.50
CA GLN B 210 0.51 3.02 2.72
C GLN B 210 1.74 3.20 3.66
N ALA B 211 1.49 3.69 4.89
CA ALA B 211 2.54 3.90 5.90
C ALA B 211 3.21 2.56 6.23
N ALA B 212 2.38 1.51 6.42
CA ALA B 212 2.83 0.14 6.68
C ALA B 212 3.69 -0.37 5.46
N GLN B 213 3.26 -0.09 4.22
CA GLN B 213 3.97 -0.51 3.00
C GLN B 213 5.38 0.15 2.93
N LEU B 214 5.46 1.48 3.18
CA LEU B 214 6.73 2.24 3.25
C LEU B 214 7.68 1.59 4.24
N ILE B 215 7.14 1.12 5.39
CA ILE B 215 7.90 0.46 6.46
C ILE B 215 8.38 -0.90 5.95
N LYS B 216 7.46 -1.75 5.47
CA LYS B 216 7.81 -3.07 4.94
C LYS B 216 8.89 -2.98 3.83
N ASP B 217 8.83 -1.97 2.94
CA ASP B 217 9.81 -1.81 1.84
C ASP B 217 11.10 -1.06 2.22
N GLY B 218 11.14 -0.49 3.42
CA GLY B 218 12.27 0.30 3.92
C GLY B 218 12.49 1.54 3.08
N GLU B 219 11.42 2.05 2.47
CA GLU B 219 11.42 3.20 1.58
C GLU B 219 11.65 4.51 2.33
N VAL B 220 11.44 4.49 3.65
CA VAL B 220 11.67 5.63 4.54
C VAL B 220 12.70 5.27 5.60
N ASP B 221 13.34 6.28 6.21
CA ASP B 221 14.33 6.04 7.26
C ASP B 221 13.68 6.19 8.59
N MET B 222 12.70 7.10 8.67
CA MET B 222 11.90 7.27 9.88
C MET B 222 10.51 7.78 9.51
N ILE B 223 9.54 7.48 10.36
CA ILE B 223 8.14 7.84 10.10
C ILE B 223 7.36 8.11 11.37
N ILE B 224 6.46 9.08 11.29
CA ILE B 224 5.49 9.31 12.36
C ILE B 224 4.16 8.71 11.82
N THR B 225 3.73 7.58 12.43
CA THR B 225 2.49 6.91 12.03
C THR B 225 1.84 6.20 13.24
N TRP B 226 0.76 5.50 13.00
CA TRP B 226 -0.01 4.78 14.00
C TRP B 226 0.62 3.44 14.42
N GLY B 227 0.75 3.21 15.73
CA GLY B 227 1.35 2.01 16.33
C GLY B 227 0.96 0.66 15.77
N GLY B 228 -0.36 0.48 15.52
CA GLY B 228 -0.88 -0.77 14.98
C GLY B 228 -0.35 -1.07 13.59
N ARG B 229 -0.30 -0.04 12.74
CA ARG B 229 0.27 -0.12 11.39
C ARG B 229 1.77 -0.50 11.44
N VAL B 230 2.52 0.11 12.37
CA VAL B 230 3.95 -0.13 12.55
C VAL B 230 4.18 -1.57 13.01
N GLN B 231 3.49 -1.99 14.07
CA GLN B 231 3.63 -3.33 14.61
C GLN B 231 3.26 -4.38 13.54
N GLY B 232 2.21 -4.12 12.76
CA GLY B 232 1.77 -4.96 11.64
C GLY B 232 2.86 -5.14 10.59
N ALA B 233 3.54 -4.04 10.20
CA ALA B 233 4.65 -4.11 9.26
C ALA B 233 5.82 -4.92 9.84
N ILE B 234 6.17 -4.68 11.13
CA ILE B 234 7.24 -5.42 11.81
C ILE B 234 6.89 -6.92 11.84
N ASN B 235 5.60 -7.26 12.17
CA ASN B 235 5.08 -8.63 12.16
C ASN B 235 5.25 -9.28 10.77
N ASP B 236 5.06 -8.47 9.72
CA ASP B 236 5.20 -8.87 8.32
C ASP B 236 6.67 -8.94 7.83
N GLY B 237 7.63 -8.70 8.74
CA GLY B 237 9.06 -8.77 8.45
C GLY B 237 9.86 -7.48 8.35
N ALA B 238 9.21 -6.30 8.52
CA ALA B 238 9.91 -5.00 8.43
C ALA B 238 11.02 -4.86 9.51
N ASN B 239 12.21 -4.44 9.09
CA ASN B 239 13.38 -4.25 9.95
C ASN B 239 13.34 -2.86 10.54
N PHE B 240 12.29 -2.62 11.33
CA PHE B 240 12.02 -1.34 11.95
C PHE B 240 11.81 -1.50 13.42
N ALA B 241 12.01 -0.41 14.15
CA ALA B 241 11.76 -0.32 15.58
C ALA B 241 10.96 0.94 15.86
N TYR B 242 10.39 1.00 17.05
CA TYR B 242 9.59 2.15 17.45
C TYR B 242 9.61 2.38 18.93
N THR B 243 9.08 3.54 19.34
CA THR B 243 8.99 3.94 20.73
C THR B 243 7.65 4.66 20.98
N PHE B 244 7.18 4.63 22.22
CA PHE B 244 6.00 5.39 22.63
C PHE B 244 6.42 6.78 23.13
N ASN B 245 7.76 7.03 23.29
CA ASN B 245 8.25 8.34 23.74
C ASN B 245 7.81 9.45 22.80
N ASP B 246 7.17 10.49 23.38
CA ASP B 246 6.60 11.65 22.65
C ASP B 246 5.42 11.31 21.76
N ALA B 247 4.84 10.08 21.87
CA ALA B 247 3.70 9.70 21.05
C ALA B 247 2.42 10.39 21.51
N GLN B 248 1.49 10.59 20.59
CA GLN B 248 0.21 11.18 20.91
C GLN B 248 -0.78 10.05 21.16
N LEU B 249 -1.38 10.03 22.35
CA LEU B 249 -2.38 9.02 22.67
C LEU B 249 -3.73 9.44 22.05
N GLY B 250 -4.13 8.75 21.00
CA GLY B 250 -5.37 9.02 20.29
C GLY B 250 -6.54 8.14 20.67
N THR B 251 -7.75 8.54 20.26
CA THR B 251 -8.96 7.78 20.50
C THR B 251 -9.78 7.67 19.20
N ASP B 252 -9.99 6.44 18.74
CA ASP B 252 -10.82 6.16 17.58
C ASP B 252 -12.18 5.74 18.08
N GLY B 253 -13.19 6.01 17.27
CA GLY B 253 -14.55 5.66 17.57
C GLY B 253 -15.50 5.83 16.42
N TYR B 254 -16.78 5.61 16.70
CA TYR B 254 -17.82 5.66 15.67
C TYR B 254 -18.80 6.81 15.86
N ALA B 255 -19.36 7.26 14.74
CA ALA B 255 -20.36 8.31 14.60
C ALA B 255 -21.30 7.93 13.47
N ILE B 256 -22.56 8.39 13.55
CA ILE B 256 -23.54 8.13 12.50
C ILE B 256 -23.71 9.40 11.68
N VAL B 257 -23.60 9.27 10.36
CA VAL B 257 -23.69 10.37 9.39
C VAL B 257 -25.07 11.02 9.47
N LYS B 258 -25.12 12.37 9.51
CA LYS B 258 -26.40 13.08 9.49
C LYS B 258 -27.10 12.73 8.18
N GLY B 259 -28.31 12.17 8.29
CA GLY B 259 -29.08 11.73 7.13
C GLY B 259 -28.75 10.33 6.67
N ALA B 260 -28.11 9.53 7.55
CA ALA B 260 -27.75 8.14 7.30
C ALA B 260 -29.02 7.39 6.81
N PRO B 261 -28.96 6.75 5.61
CA PRO B 261 -30.17 6.07 5.09
C PRO B 261 -30.72 4.98 5.99
N HIS B 262 -29.86 4.29 6.74
CA HIS B 262 -30.25 3.23 7.66
C HIS B 262 -29.90 3.60 9.12
N ARG B 263 -30.21 4.85 9.52
CA ARG B 263 -29.93 5.43 10.84
C ARG B 263 -30.27 4.52 12.04
N ASP B 264 -31.54 4.10 12.19
CA ASP B 264 -32.00 3.25 13.31
C ASP B 264 -31.25 1.92 13.35
N ALA B 265 -31.08 1.28 12.19
CA ALA B 265 -30.32 0.03 12.07
C ALA B 265 -28.86 0.25 12.46
N ALA B 266 -28.27 1.36 11.97
CA ALA B 266 -26.88 1.77 12.27
C ALA B 266 -26.72 1.97 13.78
N MET B 267 -27.72 2.64 14.42
CA MET B 267 -27.79 2.90 15.86
C MET B 267 -27.71 1.60 16.66
N ARG B 268 -28.55 0.61 16.27
CA ARG B 268 -28.65 -0.73 16.84
C ARG B 268 -27.31 -1.50 16.71
N PHE B 269 -26.70 -1.43 15.52
CA PHE B 269 -25.43 -2.07 15.15
C PHE B 269 -24.27 -1.47 15.98
N LEU B 270 -24.24 -0.14 16.11
CA LEU B 270 -23.23 0.55 16.92
C LEU B 270 -23.37 0.17 18.41
N LYS B 271 -24.61 0.11 18.96
CA LYS B 271 -24.84 -0.30 20.35
C LYS B 271 -24.27 -1.73 20.59
N GLU B 272 -24.61 -2.68 19.70
CA GLU B 272 -24.15 -4.05 19.82
C GLU B 272 -22.63 -4.18 19.72
N MET B 273 -22.00 -3.61 18.66
CA MET B 273 -20.54 -3.71 18.49
C MET B 273 -19.67 -3.04 19.59
N SER B 274 -20.28 -2.20 20.43
CA SER B 274 -19.56 -1.48 21.52
C SER B 274 -19.43 -2.34 22.77
N LYS B 275 -20.11 -3.49 22.78
CA LYS B 275 -20.12 -4.41 23.93
C LYS B 275 -18.78 -5.05 24.18
N ALA B 276 -18.48 -5.32 25.47
CA ALA B 276 -17.23 -5.92 25.96
C ALA B 276 -16.91 -7.29 25.33
N GLU B 277 -17.96 -8.11 25.06
CA GLU B 277 -17.86 -9.43 24.44
C GLU B 277 -17.23 -9.41 23.03
N TYR B 278 -17.30 -8.25 22.32
CA TYR B 278 -16.72 -8.06 20.98
C TYR B 278 -15.43 -7.31 21.10
N GLN B 279 -15.43 -6.24 21.94
CA GLN B 279 -14.29 -5.38 22.19
C GLN B 279 -13.04 -6.17 22.62
N LYS B 280 -13.24 -7.25 23.41
CA LYS B 280 -12.18 -8.16 23.87
C LYS B 280 -11.30 -8.75 22.73
N ASP B 281 -11.89 -9.01 21.55
CA ASP B 281 -11.23 -9.58 20.38
C ASP B 281 -10.56 -8.59 19.46
N LEU B 282 -10.87 -7.29 19.62
CA LEU B 282 -10.26 -6.24 18.81
C LEU B 282 -8.71 -6.33 18.68
N PRO B 283 -7.91 -6.66 19.74
CA PRO B 283 -6.46 -6.71 19.55
C PRO B 283 -5.85 -8.12 19.34
N ASN B 284 -6.68 -9.10 18.96
CA ASN B 284 -6.25 -10.50 18.71
C ASN B 284 -5.06 -10.63 17.79
N SER B 285 -5.04 -9.85 16.68
CA SER B 285 -3.90 -9.85 15.76
C SER B 285 -3.34 -8.44 15.55
N PHE B 286 -4.24 -7.42 15.46
CA PHE B 286 -3.88 -6.02 15.28
C PHE B 286 -3.58 -5.36 16.62
N ALA B 287 -2.46 -4.63 16.68
CA ALA B 287 -1.98 -3.97 17.89
C ALA B 287 -2.76 -2.66 18.16
N THR B 288 -3.90 -2.82 18.86
CA THR B 288 -4.78 -1.72 19.27
C THR B 288 -5.24 -1.97 20.70
N ALA B 289 -5.79 -0.95 21.34
CA ALA B 289 -6.25 -1.09 22.72
C ALA B 289 -7.76 -0.89 22.76
N PRO B 290 -8.58 -1.90 23.19
CA PRO B 290 -10.04 -1.67 23.26
C PRO B 290 -10.39 -0.50 24.19
N ALA B 291 -11.45 0.24 23.84
CA ALA B 291 -11.95 1.38 24.61
C ALA B 291 -12.89 0.96 25.78
N ASN B 292 -13.66 -0.14 25.60
CA ASN B 292 -14.58 -0.67 26.62
C ASN B 292 -13.72 -1.33 27.69
N MET B 293 -13.67 -0.71 28.88
CA MET B 293 -12.86 -1.17 30.00
CA MET B 293 -12.86 -1.19 30.00
C MET B 293 -13.25 -2.56 30.51
N LYS B 294 -14.49 -3.00 30.26
CA LYS B 294 -14.95 -4.33 30.66
C LYS B 294 -14.31 -5.44 29.79
N ALA B 295 -13.74 -5.06 28.62
CA ALA B 295 -13.06 -5.98 27.69
C ALA B 295 -11.80 -6.63 28.28
N TYR B 296 -11.08 -5.89 29.14
CA TYR B 296 -9.82 -6.31 29.77
C TYR B 296 -9.97 -7.48 30.73
N ASP B 297 -11.09 -7.51 31.49
CA ASP B 297 -11.42 -8.58 32.42
C ASP B 297 -11.81 -9.85 31.65
N LEU B 298 -12.55 -9.70 30.52
CA LEU B 298 -13.01 -10.84 29.72
C LEU B 298 -11.87 -11.52 28.97
N ALA B 299 -10.97 -10.71 28.37
CA ALA B 299 -9.85 -11.22 27.56
C ALA B 299 -8.66 -11.67 28.38
N LYS B 300 -8.38 -10.93 29.49
CA LYS B 300 -7.24 -11.15 30.42
C LYS B 300 -5.91 -11.19 29.65
N TYR B 301 -5.62 -10.09 28.90
CA TYR B 301 -4.40 -9.95 28.07
C TYR B 301 -3.11 -10.17 28.87
N THR B 302 -2.13 -10.83 28.23
CA THR B 302 -0.81 -11.08 28.83
C THR B 302 -0.06 -9.75 28.92
N PRO B 303 0.86 -9.56 29.90
CA PRO B 303 1.61 -8.29 29.95
C PRO B 303 2.31 -7.96 28.62
N GLU B 304 2.81 -8.96 27.90
CA GLU B 304 3.43 -8.77 26.58
C GLU B 304 2.49 -8.16 25.54
N LYS B 305 1.21 -8.57 25.55
CA LYS B 305 0.14 -8.03 24.70
C LYS B 305 -0.14 -6.56 25.08
N MET B 306 -0.11 -6.25 26.38
CA MET B 306 -0.37 -4.93 26.95
C MET B 306 0.73 -3.93 26.64
N ALA B 307 1.99 -4.39 26.46
CA ALA B 307 3.15 -3.55 26.13
C ALA B 307 3.05 -2.91 24.75
N THR B 308 2.25 -3.52 23.83
CA THR B 308 2.02 -3.00 22.49
C THR B 308 0.84 -2.02 22.55
N MET B 309 0.04 -2.07 23.63
CA MET B 309 -1.15 -1.21 23.77
C MET B 309 -0.82 0.23 24.14
N ALA B 310 -1.38 1.17 23.36
CA ALA B 310 -1.26 2.61 23.56
C ALA B 310 -1.66 3.07 24.97
N SER B 311 -2.68 2.41 25.56
CA SER B 311 -3.24 2.78 26.86
C SER B 311 -2.63 2.04 28.06
N ALA B 312 -1.60 1.22 27.83
CA ALA B 312 -0.91 0.51 28.90
C ALA B 312 -0.24 1.55 29.82
N PRO B 313 -0.28 1.39 31.17
CA PRO B 313 0.31 2.41 32.06
C PRO B 313 1.73 2.87 31.67
N GLU B 314 2.66 1.94 31.43
CA GLU B 314 4.05 2.27 31.05
C GLU B 314 4.14 3.06 29.74
N ASN B 315 3.21 2.83 28.82
CA ASN B 315 3.18 3.53 27.54
C ASN B 315 2.62 4.95 27.66
N VAL B 316 1.50 5.09 28.40
CA VAL B 316 0.81 6.37 28.69
C VAL B 316 1.77 7.35 29.37
N ALA B 317 2.64 6.83 30.24
CA ALA B 317 3.63 7.59 31.00
C ALA B 317 4.55 8.46 30.14
N VAL B 318 4.81 8.05 28.86
CA VAL B 318 5.69 8.79 27.94
C VAL B 318 4.97 9.48 26.78
N GLN B 319 3.64 9.50 26.84
CA GLN B 319 2.78 10.11 25.83
C GLN B 319 2.06 11.32 26.39
N TYR B 320 1.25 11.94 25.54
CA TYR B 320 0.34 13.03 25.88
C TYR B 320 -0.95 12.72 25.12
N SER B 321 -2.10 13.09 25.69
CA SER B 321 -3.35 12.80 24.99
C SER B 321 -3.67 13.90 24.00
N VAL B 322 -4.24 13.54 22.83
CA VAL B 322 -4.72 14.53 21.83
C VAL B 322 -5.77 15.44 22.52
N ASP B 323 -5.80 16.73 22.17
CA ASP B 323 -6.78 17.60 22.78
C ASP B 323 -7.83 18.03 21.74
N PRO B 324 -9.06 17.45 21.79
CA PRO B 324 -10.11 17.87 20.83
C PRO B 324 -10.45 19.36 20.92
N ASN B 325 -10.33 19.98 22.13
CA ASN B 325 -10.61 21.41 22.34
C ASN B 325 -9.73 22.31 21.46
N PHE B 326 -8.44 21.92 21.24
CA PHE B 326 -7.51 22.64 20.36
C PHE B 326 -8.00 22.55 18.91
N TRP B 327 -8.28 21.32 18.45
CA TRP B 327 -8.72 21.03 17.08
C TRP B 327 -10.08 21.66 16.76
N ALA B 328 -11.00 21.71 17.75
CA ALA B 328 -12.32 22.35 17.61
C ALA B 328 -12.19 23.82 17.17
N LYS B 329 -11.09 24.49 17.60
CA LYS B 329 -10.82 25.90 17.35
C LYS B 329 -9.85 26.15 16.19
N HIS B 330 -8.74 25.37 16.10
CA HIS B 330 -7.68 25.59 15.12
C HIS B 330 -7.54 24.69 13.88
N ALA B 331 -8.49 23.75 13.65
CA ALA B 331 -8.42 22.82 12.50
C ALA B 331 -8.26 23.49 11.13
N LYS B 332 -9.12 24.49 10.81
CA LYS B 332 -9.08 25.22 9.55
C LYS B 332 -7.72 25.91 9.32
N TRP B 333 -7.18 26.58 10.37
CA TRP B 333 -5.85 27.19 10.30
C TRP B 333 -4.81 26.08 10.01
N ALA B 334 -4.83 24.99 10.80
CA ALA B 334 -3.88 23.88 10.71
C ALA B 334 -3.90 23.22 9.33
N SER B 335 -5.11 22.96 8.79
CA SER B 335 -5.32 22.37 7.47
C SER B 335 -4.64 23.20 6.39
N GLU B 336 -4.94 24.50 6.35
CA GLU B 336 -4.38 25.42 5.36
C GLU B 336 -2.87 25.56 5.55
N ALA B 337 -2.42 25.80 6.80
CA ALA B 337 -1.01 25.97 7.13
C ALA B 337 -0.18 24.71 6.78
N TYR B 338 -0.71 23.52 7.11
CA TYR B 338 -0.03 22.25 6.86
C TYR B 338 0.04 21.92 5.37
N ASP B 339 -1.03 22.25 4.60
CA ASP B 339 -1.08 22.13 3.13
C ASP B 339 0.11 22.86 2.50
N ASN B 340 0.37 24.13 2.96
CA ASN B 340 1.49 24.96 2.47
C ASN B 340 2.85 24.32 2.75
N VAL B 341 3.05 23.71 3.96
CA VAL B 341 4.29 23.01 4.33
C VAL B 341 4.57 21.87 3.33
N ARG B 342 3.52 21.09 3.02
CA ARG B 342 3.62 19.93 2.13
C ARG B 342 3.75 20.34 0.66
OAN GOP C . 11.10 -1.24 -13.71
CAM GOP C . 10.54 -1.54 -12.51
CAL GOP C . 10.07 -2.96 -12.65
OAT GOP C . 10.86 -3.79 -11.92
CAK GOP C . 8.59 -2.98 -12.34
OAS GOP C . 7.85 -2.18 -13.15
CAJ GOP C . 7.89 -4.26 -12.04
OAR GOP C . 8.64 -4.93 -11.16
CAI GOP C . 7.58 -5.06 -13.27
OAQ GOP C . 8.67 -5.48 -13.88
CAH GOP C . 6.55 -6.19 -13.16
N GOP C . 6.81 -7.21 -12.17
CA GOP C . 5.59 -7.84 -11.66
C GOP C . 5.26 -7.42 -10.27
O GOP C . 6.02 -6.68 -9.69
CB GOP C . 5.71 -9.36 -11.70
CG GOP C . 6.60 -9.99 -10.67
CD GOP C . 6.90 -11.37 -11.13
OE1 GOP C . 6.32 -12.29 -10.74
NE2 GOP C . 7.94 -11.53 -12.10
OXT GOP C . 4.23 -7.83 -9.71
CA CA D . 2.33 -7.21 -2.96
CA CA E . 7.34 -12.61 -22.27
CA CA F . -9.74 -16.35 -9.50
CA CA G . -12.79 -8.69 0.55
C1 EDO H . 17.53 -4.17 -28.53
O1 EDO H . 18.63 -4.86 -29.12
C2 EDO H . 17.71 -2.67 -28.70
O2 EDO H . 18.53 -2.12 -27.66
C1 EDO I . 17.75 -21.07 4.07
O1 EDO I . 16.46 -21.33 4.60
C2 EDO I . 18.68 -22.23 4.40
O2 EDO I . 20.04 -21.88 4.13
C1 EDO J . -21.56 2.14 -25.11
O1 EDO J . -22.43 2.56 -24.04
C2 EDO J . -20.11 2.49 -24.80
O2 EDO J . -19.27 2.14 -25.90
C1 EDO K . 18.26 -30.88 -20.50
O1 EDO K . 16.84 -30.81 -20.68
C2 EDO K . 18.70 -30.25 -19.18
O2 EDO K . 18.42 -28.85 -19.18
OAN GOP L . -11.87 9.27 9.17
CAM GOP L . -10.68 8.76 8.77
CAL GOP L . -10.09 8.02 9.93
OAT GOP L . -10.81 6.92 10.26
CAK GOP L . -8.67 7.67 9.61
OAS GOP L . -8.02 8.82 9.40
CAJ GOP L . -7.95 6.81 10.64
OAR GOP L . -8.52 5.59 10.76
CAI GOP L . -7.69 7.44 11.99
OAQ GOP L . -8.85 7.59 12.66
CAH GOP L . -6.56 6.77 12.80
N GOP L . -6.78 5.34 13.02
CA GOP L . -5.58 4.56 13.20
C GOP L . -5.21 3.67 12.02
O GOP L . -4.12 3.09 11.97
CB GOP L . -5.59 3.87 14.57
CG GOP L . -6.18 2.52 14.53
CD GOP L . -6.49 2.00 15.89
OE1 GOP L . -5.81 1.19 16.40
NE2 GOP L . -7.60 2.50 16.61
OXT GOP L . -5.95 3.54 11.06
CA CA M . -2.12 -1.97 7.53
CA CA N . 15.73 4.35 2.89
CA CA O . -0.06 0.37 -0.02
C1 EDO P . -23.34 -4.32 27.17
O1 EDO P . -23.85 -4.63 28.48
C2 EDO P . -22.12 -3.42 27.25
O2 EDO P . -20.90 -4.16 27.38
C1 EDO Q . -6.02 1.22 3.22
O1 EDO Q . -7.17 1.85 2.64
C2 EDO Q . -5.36 2.18 4.21
O2 EDO Q . -5.26 1.61 5.53
C1 EDO R . -12.82 5.92 -3.18
O1 EDO R . -13.54 6.99 -2.56
C2 EDO R . -12.00 5.15 -2.13
O2 EDO R . -12.88 4.50 -1.20
C1 EDO S . 15.66 19.46 15.61
O1 EDO S . 16.08 18.44 16.50
C2 EDO S . 16.84 19.99 14.79
O2 EDO S . 16.33 20.68 13.64
C1 EDO T . 4.69 14.26 -2.25
O1 EDO T . 3.39 14.80 -1.95
C2 EDO T . 5.09 13.23 -1.19
O2 EDO T . 3.97 12.40 -0.84
C1 EDO U . -18.06 -6.69 3.36
O1 EDO U . -18.55 -5.49 2.76
C2 EDO U . -18.88 -6.98 4.61
O2 EDO U . -20.24 -7.28 4.26
C1 EDO V . 7.05 7.35 34.58
O1 EDO V . 6.12 6.62 35.39
C2 EDO V . 7.69 6.38 33.58
O2 EDO V . 7.80 7.01 32.30
C1 EDO W . 8.14 17.10 -0.06
O1 EDO W . 8.03 17.22 1.36
C2 EDO W . 7.81 15.69 -0.52
O2 EDO W . 8.70 15.28 -1.56
C1 EDO X . 14.14 5.10 24.24
O1 EDO X . 12.87 5.52 23.71
C2 EDO X . 14.87 6.31 24.82
O2 EDO X . 16.28 6.05 24.85
C1 EDO Y . -33.30 7.53 3.78
O1 EDO Y . -32.55 7.73 2.58
C2 EDO Y . -33.81 6.08 3.85
O2 EDO Y . -34.32 5.80 5.17
#